data_3OLT
#
_entry.id   3OLT
#
_cell.length_a   121.148
_cell.length_b   132.048
_cell.length_c   180.758
_cell.angle_alpha   90.00
_cell.angle_beta   90.00
_cell.angle_gamma   90.00
#
_symmetry.space_group_name_H-M   'I 2 2 2'
#
loop_
_entity.id
_entity.type
_entity.pdbx_description
1 polymer 'Prostaglandin G/H synthase 2'
2 branched 2-acetamido-2-deoxy-beta-D-glucopyranose-(1-4)-2-acetamido-2-deoxy-beta-D-glucopyranose
3 branched alpha-D-mannopyranose-(1-4)-2-acetamido-2-deoxy-beta-D-glucopyranose-(1-4)-2-acetamido-2-deoxy-beta-D-glucopyranose
4 non-polymer 1,2-ETHANEDIOL
5 non-polymer 'ARACHIDONIC ACID'
6 non-polymer 'PROTOPORPHYRIN IX CONTAINING CO'
7 non-polymer 2-acetamido-2-deoxy-beta-D-glucopyranose
8 non-polymer 'octyl beta-D-glucopyranoside'
9 water water
#
_entity_poly.entity_id   1
_entity_poly.type   'polypeptide(L)'
_entity_poly.pdbx_seq_one_letter_code
;AHHHHHHPCCSNPCQNRGECMSTGFDQYKCDCTRTGFYGENCTTPEFLTRIKLLLKPTPNTVHYILTHFKGVWNIVNNIP
FLRSLIMKYVLTSRSYLIDSPPTYNVHYGYKSWEAFSNLSYYTRALPPVADDCPTPMGVKGNKELPDSKEVLEKVLLRRE
FIPDPQGSNMMFAFFAQHFTHQFFKTDHKRGPGFTRGLGHGVDLNHIYGETLDRQHKLRLFKDGKLKYQVIGGEVYPPTV
KDTQVEMIYPPHIPENLQFAVGQEVFGLVPGLMMYATIWLREHNRVCDILKQEHPEWGDEQLFQTSRLILIGETIKIVIE
DYVQHLSGYHFKLKFDPELLFNQQFQYQNRIASEFNTLYHWHPLLPDTFNIEDQEYSFKQFLYNNSILLEHGLTQFVESF
TRQIAGRVAGGRNVPIAVQAVAKASIDQSREMKYQSLNEYRKRFSLKPYTSFEELTGEKEMAAELKALYSDIDVMELYPA
LLVEKPHPDAIFGETMVELGAPFSLKGLMGNPICSPQYWKPSTFGGEVGFKIINTASIQSLICNNVKGCPFTSFNVQDPQ
PTKTATINASASHSRLDDINPTVLIKRRSTEL
;
_entity_poly.pdbx_strand_id   A,B
#
loop_
_chem_comp.id
_chem_comp.type
_chem_comp.name
_chem_comp.formula
ACD non-polymer 'ARACHIDONIC ACID' 'C20 H32 O2'
BOG D-saccharide 'octyl beta-D-glucopyranoside' 'C14 H28 O6'
COH non-polymer 'PROTOPORPHYRIN IX CONTAINING CO' 'C34 H32 Co N4 O4'
EDO non-polymer 1,2-ETHANEDIOL 'C2 H6 O2'
MAN D-saccharide, alpha linking alpha-D-mannopyranose 'C6 H12 O6'
NAG D-saccharide, beta linking 2-acetamido-2-deoxy-beta-D-glucopyranose 'C8 H15 N O6'
#
# COMPACT_ATOMS: atom_id res chain seq x y z
N HIS A 6 27.50 22.09 11.24
CA HIS A 6 27.05 20.74 10.75
C HIS A 6 25.88 20.17 11.55
N HIS A 7 25.15 19.24 10.93
CA HIS A 7 24.01 18.60 11.56
C HIS A 7 24.37 17.98 12.92
N PRO A 8 23.60 18.30 13.97
CA PRO A 8 23.88 17.76 15.30
C PRO A 8 23.60 16.26 15.45
N CYS A 9 22.94 15.66 14.48
CA CYS A 9 22.70 14.22 14.51
C CYS A 9 23.76 13.44 13.75
N CYS A 10 24.80 14.12 13.28
CA CYS A 10 25.88 13.47 12.53
C CYS A 10 26.52 12.30 13.28
N SER A 11 26.65 12.42 14.60
CA SER A 11 27.27 11.37 15.38
C SER A 11 26.38 10.16 15.61
N ASN A 12 25.10 10.27 15.26
CA ASN A 12 24.12 9.20 15.52
C ASN A 12 23.98 8.90 17.02
N PRO A 13 23.68 9.93 17.84
CA PRO A 13 23.65 9.73 19.29
C PRO A 13 22.49 8.84 19.77
N CYS A 14 21.36 8.81 19.06
CA CYS A 14 20.21 8.01 19.53
C CYS A 14 20.39 6.49 19.30
N GLN A 15 20.15 5.72 20.34
CA GLN A 15 20.35 4.27 20.27
C GLN A 15 19.00 3.60 20.29
N ASN A 16 19.00 2.29 20.05
CA ASN A 16 17.83 1.44 20.25
C ASN A 16 16.58 1.86 19.50
N ARG A 17 16.78 2.40 18.28
CA ARG A 17 15.69 2.89 17.42
C ARG A 17 15.06 4.21 17.88
N GLY A 18 15.66 4.93 18.83
CA GLY A 18 15.25 6.31 19.10
C GLY A 18 15.38 7.13 17.82
N GLU A 19 14.64 8.22 17.69
CA GLU A 19 14.75 9.09 16.49
C GLU A 19 15.46 10.37 16.85
N CYS A 20 16.37 10.81 15.99
CA CYS A 20 17.13 12.02 16.25
C CYS A 20 16.51 13.19 15.49
N MET A 21 16.51 14.34 16.15
CA MET A 21 15.91 15.53 15.60
C MET A 21 16.72 16.69 16.16
N SER A 22 17.08 17.63 15.31
CA SER A 22 17.82 18.81 15.73
C SER A 22 16.86 19.75 16.44
N THR A 23 17.35 20.51 17.41
CA THR A 23 16.56 21.48 18.14
C THR A 23 17.39 22.75 18.23
N GLY A 24 17.63 23.39 17.10
CA GLY A 24 18.62 24.47 17.10
C GLY A 24 19.85 24.03 16.32
N PHE A 25 20.75 24.98 16.08
CA PHE A 25 21.92 24.73 15.25
C PHE A 25 22.94 23.76 15.84
N ASP A 26 22.98 23.67 17.18
CA ASP A 26 24.04 22.90 17.83
C ASP A 26 23.50 21.79 18.75
N GLN A 27 22.18 21.61 18.78
CA GLN A 27 21.54 20.69 19.71
C GLN A 27 20.61 19.65 19.06
N TYR A 28 20.41 18.54 19.76
CA TYR A 28 19.50 17.48 19.29
C TYR A 28 18.62 16.97 20.41
N LYS A 29 17.57 16.23 20.04
CA LYS A 29 16.73 15.54 21.00
C LYS A 29 16.42 14.16 20.42
N CYS A 30 16.47 13.15 21.26
CA CYS A 30 16.14 11.81 20.84
C CYS A 30 14.68 11.56 21.19
N ASP A 31 13.95 10.96 20.27
CA ASP A 31 12.58 10.55 20.55
C ASP A 31 12.55 9.05 20.83
N CYS A 32 12.29 8.70 22.10
CA CYS A 32 12.38 7.32 22.59
C CYS A 32 11.04 6.57 22.61
N THR A 33 10.02 7.13 21.97
CA THR A 33 8.70 6.51 21.93
C THR A 33 8.75 5.06 21.48
N ARG A 34 8.22 4.19 22.35
CA ARG A 34 8.06 2.73 22.10
C ARG A 34 9.37 1.97 21.84
N THR A 35 10.50 2.52 22.28
CA THR A 35 11.80 1.86 22.08
C THR A 35 12.14 0.91 23.21
N GLY A 36 11.54 1.13 24.38
CA GLY A 36 11.86 0.36 25.58
C GLY A 36 12.93 1.01 26.45
N PHE A 37 13.37 2.19 26.04
CA PHE A 37 14.46 2.87 26.70
C PHE A 37 14.04 4.34 26.86
N TYR A 38 14.73 5.03 27.75
CA TYR A 38 14.62 6.47 27.94
C TYR A 38 16.00 7.05 28.29
N GLY A 39 16.03 8.32 28.71
CA GLY A 39 17.29 9.04 28.86
C GLY A 39 17.64 9.77 27.58
N GLU A 40 18.69 10.56 27.61
CA GLU A 40 19.05 11.46 26.52
C GLU A 40 19.32 10.78 25.15
N ASN A 41 19.94 9.60 25.13
CA ASN A 41 20.19 8.88 23.88
C ASN A 41 19.42 7.57 23.79
N CYS A 42 18.36 7.46 24.59
CA CYS A 42 17.59 6.22 24.72
C CYS A 42 18.50 5.04 25.12
N THR A 43 19.37 5.26 26.09
CA THR A 43 20.30 4.23 26.53
C THR A 43 19.92 3.55 27.85
N THR A 44 18.97 4.12 28.59
CA THR A 44 18.54 3.53 29.88
C THR A 44 17.29 2.67 29.65
N PRO A 45 17.37 1.36 29.97
CA PRO A 45 16.24 0.44 29.74
C PRO A 45 15.12 0.54 30.77
N GLU A 46 13.87 0.45 30.33
CA GLU A 46 12.73 0.39 31.25
C GLU A 46 12.88 -0.93 31.98
N PHE A 47 12.25 -1.09 33.15
CA PHE A 47 12.40 -2.33 33.93
C PHE A 47 12.07 -3.59 33.12
N LEU A 48 10.95 -3.58 32.39
CA LEU A 48 10.52 -4.73 31.58
C LEU A 48 11.50 -5.03 30.44
N THR A 49 12.16 -4.00 29.93
CA THR A 49 13.18 -4.13 28.89
C THR A 49 14.41 -4.80 29.46
N ARG A 50 14.81 -4.36 30.66
CA ARG A 50 15.98 -4.91 31.34
C ARG A 50 15.83 -6.42 31.48
N ILE A 51 14.60 -6.86 31.72
CA ILE A 51 14.25 -8.28 31.80
C ILE A 51 14.23 -8.96 30.44
N LYS A 52 13.57 -8.33 29.46
CA LYS A 52 13.47 -8.88 28.09
C LYS A 52 14.85 -9.19 27.54
N LEU A 53 15.79 -8.26 27.74
CA LEU A 53 17.17 -8.43 27.32
C LEU A 53 17.84 -9.66 27.94
N LEU A 54 17.91 -9.71 29.27
CA LEU A 54 18.53 -10.81 30.00
C LEU A 54 18.13 -12.20 29.50
N LEU A 55 16.87 -12.37 29.09
CA LEU A 55 16.33 -13.67 28.71
C LEU A 55 16.43 -13.99 27.22
N LYS A 56 16.21 -12.99 26.37
CA LYS A 56 16.22 -13.16 24.90
C LYS A 56 17.54 -13.71 24.37
N PRO A 57 17.49 -14.86 23.67
CA PRO A 57 18.68 -15.48 23.12
C PRO A 57 19.27 -14.61 22.02
N THR A 58 20.61 -14.64 21.90
CA THR A 58 21.29 -13.96 20.79
C THR A 58 20.95 -14.64 19.46
N PRO A 59 21.13 -13.92 18.33
CA PRO A 59 20.93 -14.53 17.02
C PRO A 59 21.83 -15.74 16.77
N ASN A 60 23.07 -15.69 17.26
CA ASN A 60 24.02 -16.81 17.12
C ASN A 60 23.62 -18.04 17.91
N THR A 61 22.96 -17.83 19.05
CA THR A 61 22.40 -18.93 19.84
C THR A 61 21.26 -19.57 19.05
N VAL A 62 20.28 -18.75 18.65
CA VAL A 62 19.18 -19.20 17.81
C VAL A 62 19.71 -19.90 16.52
N HIS A 63 20.71 -19.31 15.85
CA HIS A 63 21.31 -19.97 14.69
C HIS A 63 21.91 -21.35 15.00
N TYR A 64 22.62 -21.45 16.12
CA TYR A 64 23.20 -22.73 16.55
C TYR A 64 22.12 -23.78 16.82
N ILE A 65 21.04 -23.38 17.49
CA ILE A 65 19.94 -24.30 17.82
C ILE A 65 19.30 -24.86 16.55
N LEU A 66 19.20 -24.00 15.53
CA LEU A 66 18.53 -24.37 14.30
C LEU A 66 19.38 -25.19 13.36
N THR A 67 20.70 -25.14 13.55
CA THR A 67 21.60 -25.91 12.69
C THR A 67 22.23 -27.11 13.39
N HIS A 68 21.70 -27.46 14.56
CA HIS A 68 22.14 -28.67 15.28
C HIS A 68 20.94 -29.48 15.73
N PHE A 69 21.18 -30.49 16.56
CA PHE A 69 20.11 -31.30 17.14
C PHE A 69 19.18 -31.86 16.08
N LYS A 70 19.77 -32.40 15.02
CA LYS A 70 19.02 -32.90 13.86
C LYS A 70 17.96 -33.91 14.27
N GLY A 71 18.27 -34.71 15.30
CA GLY A 71 17.35 -35.71 15.84
C GLY A 71 16.08 -35.15 16.45
N VAL A 72 16.14 -33.92 16.96
CA VAL A 72 14.95 -33.26 17.51
C VAL A 72 14.14 -32.66 16.36
N TRP A 73 14.83 -32.00 15.42
CA TRP A 73 14.18 -31.38 14.28
C TRP A 73 13.47 -32.39 13.41
N ASN A 74 14.08 -33.57 13.26
CA ASN A 74 13.45 -34.70 12.62
C ASN A 74 12.12 -35.10 13.22
N ILE A 75 11.99 -34.97 14.54
CA ILE A 75 10.70 -35.20 15.20
C ILE A 75 9.75 -34.02 14.91
N VAL A 76 10.19 -32.81 15.24
CA VAL A 76 9.41 -31.60 15.02
C VAL A 76 8.92 -31.42 13.56
N ASN A 77 9.78 -31.71 12.59
CA ASN A 77 9.39 -31.60 11.18
C ASN A 77 8.28 -32.55 10.77
N ASN A 78 8.10 -33.63 11.51
CA ASN A 78 7.09 -34.61 11.16
C ASN A 78 5.83 -34.54 12.04
N ILE A 79 5.79 -33.58 12.96
CA ILE A 79 4.60 -33.34 13.76
C ILE A 79 4.01 -31.97 13.38
N PRO A 80 3.04 -31.97 12.45
CA PRO A 80 2.50 -30.75 11.80
C PRO A 80 2.19 -29.61 12.76
N PHE A 81 1.55 -29.91 13.89
CA PHE A 81 1.25 -28.92 14.90
C PHE A 81 2.51 -28.20 15.43
N LEU A 82 3.56 -28.98 15.71
CA LEU A 82 4.83 -28.42 16.18
C LEU A 82 5.53 -27.62 15.09
N ARG A 83 5.53 -28.17 13.87
CA ARG A 83 6.16 -27.51 12.74
C ARG A 83 5.57 -26.10 12.57
N SER A 84 4.25 -26.00 12.61
CA SER A 84 3.53 -24.74 12.51
C SER A 84 3.84 -23.79 13.66
N LEU A 85 3.94 -24.32 14.88
CA LEU A 85 4.29 -23.49 16.04
C LEU A 85 5.65 -22.83 15.81
N ILE A 86 6.65 -23.65 15.50
CA ILE A 86 8.01 -23.17 15.28
C ILE A 86 8.05 -22.17 14.10
N MET A 87 7.38 -22.48 12.98
CA MET A 87 7.31 -21.56 11.85
C MET A 87 6.65 -20.23 12.23
N LYS A 88 5.56 -20.30 13.01
CA LYS A 88 4.93 -19.10 13.56
C LYS A 88 5.93 -18.24 14.34
N TYR A 89 6.77 -18.87 15.17
CA TYR A 89 7.85 -18.13 15.84
C TYR A 89 8.79 -17.53 14.82
N VAL A 90 9.24 -18.35 13.87
CA VAL A 90 10.19 -17.91 12.83
C VAL A 90 9.68 -16.67 12.09
N LEU A 91 8.39 -16.66 11.74
CA LEU A 91 7.79 -15.53 11.04
C LEU A 91 7.59 -14.31 11.93
N THR A 92 7.29 -14.52 13.21
CA THR A 92 6.97 -13.38 14.08
C THR A 92 8.15 -12.77 14.86
N SER A 93 9.22 -13.53 15.05
CA SER A 93 10.46 -13.01 15.67
C SER A 93 11.05 -11.84 14.89
N ARG A 94 11.14 -12.00 13.58
CA ARG A 94 11.61 -10.98 12.66
C ARG A 94 10.65 -9.79 12.66
N SER A 95 9.55 -9.91 11.92
CA SER A 95 8.47 -8.90 11.84
C SER A 95 8.86 -7.47 12.27
N TYR A 96 8.87 -7.23 13.59
CA TYR A 96 9.04 -5.89 14.19
C TYR A 96 10.28 -5.08 13.77
N LEU A 97 11.14 -5.65 12.93
CA LEU A 97 12.38 -4.99 12.54
C LEU A 97 12.26 -4.14 11.30
N ILE A 98 11.19 -4.31 10.54
CA ILE A 98 11.01 -3.50 9.34
C ILE A 98 9.91 -2.46 9.57
N ASP A 99 10.20 -1.19 9.27
CA ASP A 99 9.18 -0.15 9.25
C ASP A 99 8.17 -0.36 8.14
N SER A 100 6.93 -0.56 8.53
CA SER A 100 5.86 -0.76 7.54
C SER A 100 4.54 -0.24 8.07
N PRO A 101 4.00 0.84 7.49
CA PRO A 101 4.43 1.62 6.31
C PRO A 101 5.89 2.11 6.38
N PRO A 102 6.54 2.19 5.20
CA PRO A 102 7.94 2.55 5.16
C PRO A 102 8.15 4.03 5.52
N THR A 103 9.41 4.38 5.76
CA THR A 103 9.76 5.71 6.26
C THR A 103 10.76 6.49 5.38
N TYR A 104 12.05 6.23 5.50
CA TYR A 104 13.06 7.10 4.93
C TYR A 104 13.42 6.69 3.52
N ASN A 105 14.08 7.60 2.81
CA ASN A 105 14.73 7.27 1.54
C ASN A 105 16.00 8.10 1.35
N VAL A 106 16.59 8.00 0.17
CA VAL A 106 17.86 8.67 -0.10
C VAL A 106 17.80 10.18 0.07
N HIS A 107 16.66 10.79 -0.16
CA HIS A 107 16.52 12.25 -0.09
C HIS A 107 15.86 12.70 1.20
N TYR A 108 15.36 11.76 2.01
CA TYR A 108 14.62 12.12 3.21
C TYR A 108 15.11 11.39 4.45
N GLY A 109 15.88 12.10 5.26
CA GLY A 109 16.30 11.58 6.54
C GLY A 109 15.34 11.86 7.67
N TYR A 110 14.11 12.27 7.34
CA TYR A 110 13.05 12.46 8.34
C TYR A 110 11.78 11.99 7.66
N LYS A 111 10.77 11.61 8.43
CA LYS A 111 9.51 11.19 7.81
C LYS A 111 8.81 12.34 7.05
N SER A 112 8.34 12.04 5.84
CA SER A 112 7.65 12.99 5.02
C SER A 112 6.64 12.27 4.16
N TRP A 113 5.61 12.99 3.73
CA TRP A 113 4.66 12.46 2.76
C TRP A 113 5.33 12.12 1.41
N GLU A 114 6.26 12.94 0.95
CA GLU A 114 7.00 12.59 -0.27
C GLU A 114 7.68 11.21 -0.18
N ALA A 115 8.35 10.93 0.95
CA ALA A 115 8.96 9.61 1.15
C ALA A 115 7.93 8.50 1.24
N PHE A 116 6.81 8.73 1.94
CA PHE A 116 5.80 7.70 2.02
C PHE A 116 5.20 7.38 0.65
N SER A 117 4.91 8.40 -0.14
CA SER A 117 4.05 8.19 -1.29
C SER A 117 4.78 8.02 -2.61
N ASN A 118 6.04 8.42 -2.70
CA ASN A 118 6.72 8.35 -4.03
C ASN A 118 7.24 6.93 -4.19
N LEU A 119 6.56 6.11 -5.00
CA LEU A 119 6.93 4.67 -5.16
C LEU A 119 8.19 4.45 -6.00
N SER A 120 8.64 5.52 -6.67
CA SER A 120 9.86 5.50 -7.50
C SER A 120 11.14 5.31 -6.70
N TYR A 121 11.11 5.64 -5.41
CA TYR A 121 12.27 5.44 -4.52
C TYR A 121 12.32 4.04 -3.91
N TYR A 122 13.53 3.51 -3.75
CA TYR A 122 13.74 2.45 -2.76
C TYR A 122 13.59 3.05 -1.39
N THR A 123 13.03 2.32 -0.46
CA THR A 123 13.00 2.84 0.88
C THR A 123 14.36 2.63 1.57
N ARG A 124 14.47 3.08 2.82
CA ARG A 124 15.74 3.01 3.55
C ARG A 124 15.49 2.52 4.94
N ALA A 125 16.19 1.47 5.36
CA ALA A 125 16.13 1.04 6.75
C ALA A 125 16.86 2.00 7.68
N LEU A 126 17.83 2.76 7.18
CA LEU A 126 18.42 3.85 7.98
C LEU A 126 18.48 5.10 7.16
N PRO A 127 18.24 6.24 7.80
CA PRO A 127 18.30 7.49 7.05
C PRO A 127 19.71 7.71 6.52
N PRO A 128 19.86 8.47 5.43
CA PRO A 128 21.19 8.84 4.94
C PRO A 128 21.94 9.71 5.94
N VAL A 129 23.28 9.66 5.89
CA VAL A 129 24.13 10.59 6.60
C VAL A 129 23.85 11.99 6.07
N ALA A 130 23.65 12.97 6.93
CA ALA A 130 23.40 14.34 6.47
C ALA A 130 24.48 14.83 5.50
N ASP A 131 24.09 15.68 4.54
CA ASP A 131 25.05 16.21 3.56
C ASP A 131 26.24 17.00 4.16
N ASP A 132 26.02 17.70 5.28
CA ASP A 132 27.07 18.54 5.87
C ASP A 132 27.98 17.91 6.96
N CYS A 133 27.91 16.60 7.17
CA CYS A 133 28.71 15.95 8.22
C CYS A 133 30.21 16.10 7.98
N PRO A 134 30.98 16.25 9.05
CA PRO A 134 32.40 16.47 8.86
C PRO A 134 33.19 15.27 8.31
N THR A 135 32.65 14.05 8.40
CA THR A 135 33.30 12.88 7.79
C THR A 135 32.24 12.06 7.05
N PRO A 136 32.67 11.26 6.04
CA PRO A 136 31.70 10.49 5.24
C PRO A 136 30.67 9.70 6.06
N MET A 137 31.05 9.20 7.23
CA MET A 137 30.16 8.35 8.04
C MET A 137 29.55 9.07 9.23
N GLY A 138 29.85 10.37 9.36
CA GLY A 138 29.27 11.17 10.43
C GLY A 138 30.30 12.06 11.08
N VAL A 139 30.92 11.56 12.14
CA VAL A 139 32.01 12.25 12.80
C VAL A 139 33.28 11.40 13.02
N LYS A 140 33.18 10.06 12.90
CA LYS A 140 34.36 9.17 13.09
C LYS A 140 35.12 8.97 11.78
N GLY A 141 36.40 8.60 11.88
CA GLY A 141 37.19 8.28 10.71
C GLY A 141 37.95 9.44 10.09
N ASN A 142 38.59 9.15 8.95
CA ASN A 142 39.27 10.18 8.17
C ASN A 142 38.27 11.00 7.35
N LYS A 143 38.73 12.12 6.79
CA LYS A 143 37.93 13.01 5.95
C LYS A 143 37.45 12.35 4.65
N GLU A 144 38.22 11.39 4.14
CA GLU A 144 37.82 10.62 2.95
C GLU A 144 37.91 9.14 3.26
N LEU A 145 36.90 8.38 2.85
CA LEU A 145 36.98 6.93 2.90
C LEU A 145 38.08 6.45 1.94
N PRO A 146 38.59 5.21 2.15
CA PRO A 146 39.59 4.64 1.27
C PRO A 146 39.12 4.56 -0.19
N ASP A 147 40.04 4.75 -1.13
CA ASP A 147 39.79 4.56 -2.56
C ASP A 147 39.05 3.24 -2.74
N SER A 148 37.95 3.26 -3.48
CA SER A 148 37.16 2.04 -3.63
C SER A 148 37.89 0.91 -4.40
N LYS A 149 38.68 1.28 -5.40
CA LYS A 149 39.51 0.31 -6.11
C LYS A 149 40.49 -0.43 -5.17
N GLU A 150 41.10 0.30 -4.22
CA GLU A 150 41.96 -0.35 -3.22
C GLU A 150 41.20 -1.38 -2.37
N VAL A 151 39.99 -1.05 -1.94
CA VAL A 151 39.23 -1.98 -1.11
C VAL A 151 38.91 -3.22 -1.95
N LEU A 152 38.42 -2.99 -3.16
CA LEU A 152 38.05 -4.05 -4.10
C LEU A 152 39.24 -4.97 -4.35
N GLU A 153 40.36 -4.39 -4.76
CA GLU A 153 41.55 -5.19 -5.10
C GLU A 153 42.16 -5.93 -3.92
N LYS A 154 42.21 -5.28 -2.76
CA LYS A 154 42.81 -5.90 -1.58
C LYS A 154 41.99 -7.02 -0.93
N VAL A 155 40.68 -6.82 -0.78
CA VAL A 155 39.87 -7.77 0.00
C VAL A 155 38.67 -8.41 -0.72
N LEU A 156 38.31 -7.88 -1.90
CA LEU A 156 37.15 -8.40 -2.63
C LEU A 156 37.51 -9.33 -3.78
N LEU A 157 38.48 -8.95 -4.60
CA LEU A 157 38.76 -9.68 -5.83
C LEU A 157 39.21 -11.10 -5.58
N ARG A 158 38.74 -12.01 -6.42
CA ARG A 158 39.04 -13.44 -6.31
C ARG A 158 40.46 -13.73 -6.80
N ARG A 159 41.22 -14.45 -5.97
CA ARG A 159 42.50 -15.01 -6.38
C ARG A 159 42.17 -16.41 -6.93
N GLU A 160 42.22 -17.41 -6.05
CA GLU A 160 41.65 -18.72 -6.34
C GLU A 160 40.14 -18.73 -6.10
N PHE A 161 39.41 -19.51 -6.89
CA PHE A 161 37.97 -19.72 -6.73
C PHE A 161 37.66 -20.43 -5.42
N ILE A 162 36.83 -19.81 -4.58
CA ILE A 162 36.40 -20.41 -3.34
C ILE A 162 34.97 -20.95 -3.48
N PRO A 163 34.84 -22.29 -3.46
CA PRO A 163 33.53 -22.94 -3.58
C PRO A 163 32.66 -22.75 -2.34
N ASP A 164 31.35 -22.64 -2.55
CA ASP A 164 30.41 -22.63 -1.44
C ASP A 164 30.49 -23.94 -0.64
N PRO A 165 30.92 -23.86 0.62
CA PRO A 165 30.95 -25.09 1.41
C PRO A 165 29.55 -25.62 1.71
N GLN A 166 28.50 -24.79 1.57
CA GLN A 166 27.11 -25.27 1.69
C GLN A 166 26.59 -26.01 0.45
N GLY A 167 27.33 -26.00 -0.66
CA GLY A 167 26.96 -26.79 -1.84
C GLY A 167 26.02 -26.13 -2.86
N SER A 168 25.84 -24.81 -2.78
CA SER A 168 24.99 -24.11 -3.71
C SER A 168 25.45 -24.34 -5.15
N ASN A 169 24.52 -24.63 -6.06
CA ASN A 169 24.87 -24.83 -7.46
C ASN A 169 24.47 -23.66 -8.36
N MET A 170 24.73 -23.77 -9.65
CA MET A 170 24.33 -22.76 -10.62
C MET A 170 22.80 -22.65 -10.82
N MET A 171 22.04 -23.70 -10.49
CA MET A 171 20.58 -23.58 -10.50
C MET A 171 20.17 -22.58 -9.42
N PHE A 172 20.82 -22.65 -8.26
CA PHE A 172 20.56 -21.70 -7.20
C PHE A 172 20.98 -20.28 -7.55
N ALA A 173 22.19 -20.15 -8.06
CA ALA A 173 22.73 -18.83 -8.38
C ALA A 173 21.86 -18.10 -9.40
N PHE A 174 21.44 -18.82 -10.45
CA PHE A 174 20.62 -18.22 -11.50
C PHE A 174 19.20 -18.05 -11.03
N PHE A 175 18.75 -18.90 -10.12
CA PHE A 175 17.44 -18.67 -9.51
C PHE A 175 17.41 -17.35 -8.71
N ALA A 176 18.45 -17.13 -7.91
CA ALA A 176 18.59 -15.89 -7.14
C ALA A 176 18.53 -14.68 -8.05
N GLN A 177 19.26 -14.73 -9.15
CA GLN A 177 19.35 -13.57 -10.02
C GLN A 177 18.00 -13.23 -10.70
N HIS A 178 17.31 -14.29 -11.15
CA HIS A 178 16.06 -14.19 -11.90
C HIS A 178 14.98 -13.68 -10.95
N PHE A 179 14.88 -14.29 -9.77
CA PHE A 179 13.87 -13.95 -8.78
C PHE A 179 14.01 -12.49 -8.28
N THR A 180 15.21 -12.10 -7.87
CA THR A 180 15.43 -10.77 -7.31
C THR A 180 15.33 -9.65 -8.32
N HIS A 181 15.62 -9.92 -9.58
CA HIS A 181 15.49 -8.91 -10.62
C HIS A 181 14.04 -8.53 -10.95
N GLN A 182 13.05 -9.13 -10.31
CA GLN A 182 11.72 -8.54 -10.41
C GLN A 182 11.57 -7.32 -9.49
N PHE A 183 12.34 -7.26 -8.40
CA PHE A 183 12.15 -6.14 -7.49
C PHE A 183 13.37 -5.25 -7.29
N PHE A 184 14.54 -5.71 -7.74
CA PHE A 184 15.68 -4.83 -7.85
C PHE A 184 15.80 -4.44 -9.31
N LYS A 185 15.36 -3.22 -9.63
CA LYS A 185 15.31 -2.75 -11.01
C LYS A 185 15.61 -1.25 -10.97
N THR A 186 16.88 -0.94 -10.73
CA THR A 186 17.31 0.40 -10.46
C THR A 186 17.14 1.27 -11.69
N ASP A 187 16.57 2.45 -11.47
CA ASP A 187 16.37 3.39 -12.53
C ASP A 187 17.61 4.26 -12.67
N HIS A 188 18.56 3.79 -13.47
CA HIS A 188 19.84 4.49 -13.66
C HIS A 188 19.69 5.88 -14.30
N LYS A 189 18.58 6.11 -15.01
CA LYS A 189 18.25 7.46 -15.48
C LYS A 189 18.07 8.46 -14.32
N ARG A 190 17.63 7.97 -13.16
CA ARG A 190 17.34 8.84 -12.03
C ARG A 190 18.39 8.78 -10.92
N GLY A 191 18.99 7.62 -10.72
CA GLY A 191 19.97 7.45 -9.67
C GLY A 191 19.86 6.11 -8.97
N PRO A 192 20.89 5.75 -8.18
CA PRO A 192 20.95 4.47 -7.48
C PRO A 192 19.81 4.29 -6.48
N GLY A 193 19.29 5.39 -5.96
CA GLY A 193 18.23 5.28 -4.96
C GLY A 193 16.82 5.16 -5.53
N PHE A 194 16.72 4.88 -6.83
CA PHE A 194 15.44 4.87 -7.54
C PHE A 194 15.21 3.53 -8.18
N THR A 195 13.95 3.10 -8.17
CA THR A 195 13.55 1.82 -8.77
C THR A 195 12.47 1.98 -9.85
N ARG A 196 12.43 1.04 -10.79
CA ARG A 196 11.40 0.95 -11.80
C ARG A 196 10.40 -0.15 -11.44
N GLY A 197 10.65 -0.82 -10.32
CA GLY A 197 9.79 -1.90 -9.87
C GLY A 197 8.76 -1.33 -8.92
N LEU A 198 7.76 -0.65 -9.47
CA LEU A 198 6.80 0.08 -8.61
C LEU A 198 5.88 -0.83 -7.80
N GLY A 199 5.82 -2.12 -8.13
CA GLY A 199 4.98 -3.03 -7.39
C GLY A 199 5.64 -3.49 -6.10
N HIS A 200 6.94 -3.28 -6.02
CA HIS A 200 7.68 -3.43 -4.77
C HIS A 200 7.58 -4.83 -4.14
N GLY A 201 7.65 -5.86 -4.99
CA GLY A 201 7.74 -7.20 -4.49
C GLY A 201 7.49 -8.26 -5.53
N VAL A 202 6.87 -9.35 -5.07
CA VAL A 202 6.70 -10.50 -5.93
C VAL A 202 5.42 -10.31 -6.75
N ASP A 203 5.55 -9.57 -7.85
CA ASP A 203 4.42 -9.38 -8.75
C ASP A 203 4.57 -10.16 -10.05
N LEU A 204 5.76 -10.74 -10.23
CA LEU A 204 6.15 -11.47 -11.41
C LEU A 204 6.21 -10.62 -12.65
N ASN A 205 6.63 -9.38 -12.48
CA ASN A 205 6.76 -8.47 -13.59
C ASN A 205 7.92 -8.90 -14.50
N HIS A 206 8.87 -9.66 -13.98
CA HIS A 206 9.96 -10.16 -14.80
C HIS A 206 9.47 -11.19 -15.83
N ILE A 207 8.29 -11.74 -15.60
CA ILE A 207 7.66 -12.63 -16.57
C ILE A 207 6.61 -11.88 -17.38
N TYR A 208 5.78 -11.07 -16.71
CA TYR A 208 4.60 -10.47 -17.34
C TYR A 208 4.73 -9.05 -17.86
N GLY A 209 5.73 -8.32 -17.36
CA GLY A 209 5.97 -6.92 -17.77
C GLY A 209 5.59 -5.96 -16.66
N GLU A 210 6.32 -4.86 -16.53
CA GLU A 210 5.99 -3.89 -15.51
C GLU A 210 4.71 -3.14 -15.89
N THR A 211 4.47 -2.93 -17.18
CA THR A 211 3.31 -2.14 -17.58
C THR A 211 2.32 -2.97 -18.36
N LEU A 212 1.07 -2.51 -18.33
CA LEU A 212 0.00 -3.06 -19.15
C LEU A 212 0.34 -3.07 -20.65
N ASP A 213 0.95 -2.01 -21.16
CA ASP A 213 1.38 -1.97 -22.55
C ASP A 213 2.29 -3.16 -22.83
N ARG A 214 3.26 -3.39 -21.95
CA ARG A 214 4.19 -4.48 -22.12
C ARG A 214 3.51 -5.86 -21.96
N GLN A 215 2.64 -6.02 -20.97
CA GLN A 215 1.96 -7.28 -20.77
C GLN A 215 1.17 -7.65 -22.03
N HIS A 216 0.39 -6.70 -22.54
CA HIS A 216 -0.43 -6.94 -23.72
C HIS A 216 0.34 -7.32 -24.95
N LYS A 217 1.55 -6.80 -25.11
CA LYS A 217 2.41 -7.24 -26.21
C LYS A 217 2.89 -8.67 -26.01
N LEU A 218 2.98 -9.12 -24.76
CA LEU A 218 3.52 -10.46 -24.49
C LEU A 218 2.46 -11.53 -24.52
N ARG A 219 1.19 -11.15 -24.41
CA ARG A 219 0.10 -12.12 -24.29
C ARG A 219 -0.38 -12.61 -25.65
N LEU A 220 -0.86 -13.84 -25.67
CA LEU A 220 -1.39 -14.42 -26.89
C LEU A 220 -2.85 -13.95 -27.15
N PHE A 221 -3.59 -13.67 -26.06
CA PHE A 221 -5.05 -13.36 -26.06
C PHE A 221 -5.94 -14.52 -26.50
N LYS A 222 -5.42 -15.73 -26.36
CA LYS A 222 -6.19 -16.94 -26.52
C LYS A 222 -5.86 -17.84 -25.32
N ASP A 223 -6.88 -18.39 -24.64
CA ASP A 223 -6.69 -19.34 -23.51
C ASP A 223 -5.80 -18.82 -22.33
N GLY A 224 -5.68 -17.51 -22.20
CA GLY A 224 -4.91 -16.90 -21.10
C GLY A 224 -3.41 -16.89 -21.29
N LYS A 225 -2.92 -17.36 -22.43
CA LYS A 225 -1.51 -17.67 -22.59
C LYS A 225 -0.59 -16.54 -22.99
N LEU A 226 0.70 -16.77 -22.77
CA LEU A 226 1.75 -15.91 -23.25
C LEU A 226 2.17 -16.34 -24.64
N LYS A 227 2.54 -15.38 -25.46
CA LYS A 227 3.05 -15.75 -26.79
C LYS A 227 4.32 -16.56 -26.61
N TYR A 228 4.66 -17.29 -27.67
CA TYR A 228 5.83 -18.17 -27.67
C TYR A 228 6.20 -18.48 -29.14
N GLN A 229 7.40 -19.02 -29.33
CA GLN A 229 7.79 -19.67 -30.58
C GLN A 229 8.22 -21.13 -30.34
N VAL A 230 8.22 -21.94 -31.39
CA VAL A 230 8.66 -23.33 -31.32
C VAL A 230 9.90 -23.50 -32.20
N ILE A 231 11.04 -23.75 -31.58
CA ILE A 231 12.30 -23.96 -32.31
C ILE A 231 12.73 -25.39 -32.04
N GLY A 232 12.94 -26.18 -33.10
CA GLY A 232 13.25 -27.61 -32.96
C GLY A 232 12.32 -28.42 -32.06
N GLY A 233 11.03 -28.09 -32.06
CA GLY A 233 10.04 -28.78 -31.24
C GLY A 233 9.94 -28.28 -29.81
N GLU A 234 10.85 -27.37 -29.42
CA GLU A 234 10.91 -26.83 -28.05
C GLU A 234 10.27 -25.47 -27.94
N VAL A 235 9.49 -25.26 -26.87
CA VAL A 235 8.87 -23.96 -26.67
C VAL A 235 9.82 -22.92 -26.07
N TYR A 236 9.94 -21.78 -26.74
CA TYR A 236 10.77 -20.68 -26.24
C TYR A 236 9.99 -19.37 -26.24
N PRO A 237 10.52 -18.36 -25.53
CA PRO A 237 9.87 -17.06 -25.55
C PRO A 237 9.82 -16.51 -26.98
N PRO A 238 8.86 -15.62 -27.25
CA PRO A 238 8.77 -15.10 -28.61
C PRO A 238 9.84 -14.04 -28.86
N THR A 239 9.88 -13.47 -30.05
CA THR A 239 10.96 -12.54 -30.42
C THR A 239 10.58 -11.08 -30.21
N VAL A 240 11.61 -10.23 -30.15
CA VAL A 240 11.43 -8.78 -30.23
C VAL A 240 10.67 -8.35 -31.48
N LYS A 241 11.01 -8.92 -32.62
CA LYS A 241 10.32 -8.52 -33.87
C LYS A 241 8.83 -8.90 -33.87
N ASP A 242 8.47 -10.06 -33.34
CA ASP A 242 7.07 -10.48 -33.36
C ASP A 242 6.19 -9.71 -32.37
N THR A 243 6.77 -9.39 -31.21
CA THR A 243 6.02 -8.78 -30.10
C THR A 243 6.14 -7.26 -30.03
N GLN A 244 7.18 -6.68 -30.64
CA GLN A 244 7.52 -5.25 -30.43
C GLN A 244 7.81 -4.87 -28.96
N VAL A 245 8.33 -5.84 -28.19
CA VAL A 245 8.72 -5.62 -26.81
C VAL A 245 10.19 -5.19 -26.80
N GLU A 246 10.50 -4.08 -26.12
CA GLU A 246 11.89 -3.59 -26.02
C GLU A 246 12.74 -4.49 -25.11
N MET A 247 13.91 -4.88 -25.60
CA MET A 247 14.84 -5.71 -24.83
C MET A 247 16.22 -5.07 -24.95
N ILE A 248 17.10 -5.32 -23.98
CA ILE A 248 18.49 -4.90 -24.09
C ILE A 248 19.25 -6.03 -24.82
N TYR A 249 19.76 -5.71 -26.00
CA TYR A 249 20.63 -6.63 -26.74
C TYR A 249 21.64 -5.81 -27.52
N PRO A 250 22.92 -6.26 -27.55
CA PRO A 250 23.89 -5.65 -28.45
C PRO A 250 23.46 -5.85 -29.90
N PRO A 251 23.81 -4.90 -30.79
CA PRO A 251 23.37 -4.92 -32.19
C PRO A 251 23.53 -6.27 -32.91
N HIS A 252 24.62 -6.99 -32.65
CA HIS A 252 24.99 -8.18 -33.45
C HIS A 252 24.13 -9.45 -33.26
N ILE A 253 23.12 -9.42 -32.37
CA ILE A 253 22.35 -10.64 -32.06
C ILE A 253 21.33 -11.00 -33.14
N PRO A 254 21.40 -12.24 -33.68
CA PRO A 254 20.39 -12.75 -34.62
C PRO A 254 18.94 -12.55 -34.17
N GLU A 255 18.05 -12.26 -35.11
CA GLU A 255 16.68 -11.86 -34.82
C GLU A 255 15.94 -12.87 -33.97
N ASN A 256 16.13 -14.15 -34.28
CA ASN A 256 15.38 -15.19 -33.59
C ASN A 256 15.96 -15.51 -32.21
N LEU A 257 17.14 -14.97 -31.93
CA LEU A 257 17.70 -15.12 -30.60
C LEU A 257 17.42 -13.89 -29.71
N GLN A 258 16.78 -12.87 -30.28
CA GLN A 258 16.31 -11.74 -29.49
C GLN A 258 15.00 -12.10 -28.85
N PHE A 259 15.05 -12.86 -27.76
CA PHE A 259 13.87 -13.27 -27.02
C PHE A 259 13.26 -12.11 -26.23
N ALA A 260 11.93 -12.07 -26.18
CA ALA A 260 11.25 -11.02 -25.43
C ALA A 260 10.58 -11.63 -24.22
N VAL A 261 10.90 -11.12 -23.05
CA VAL A 261 10.27 -11.59 -21.83
C VAL A 261 9.94 -10.38 -20.93
N GLY A 262 9.31 -10.65 -19.77
CA GLY A 262 8.82 -9.61 -18.89
C GLY A 262 9.88 -8.59 -18.50
N GLN A 263 11.08 -9.08 -18.21
CA GLN A 263 12.16 -8.22 -17.79
C GLN A 263 13.24 -8.02 -18.88
N GLU A 264 13.50 -6.75 -19.18
CA GLU A 264 14.28 -6.28 -20.36
C GLU A 264 15.75 -6.68 -20.39
N VAL A 265 16.30 -7.06 -19.24
CA VAL A 265 17.72 -7.41 -19.18
C VAL A 265 17.97 -8.92 -19.25
N PHE A 266 16.92 -9.72 -19.32
CA PHE A 266 17.09 -11.16 -19.21
C PHE A 266 17.80 -11.84 -20.42
N GLY A 267 17.97 -11.11 -21.52
CA GLY A 267 18.76 -11.61 -22.63
C GLY A 267 20.24 -11.67 -22.32
N LEU A 268 20.66 -10.99 -21.25
CA LEU A 268 22.08 -10.85 -20.87
C LEU A 268 22.76 -12.19 -20.61
N VAL A 269 22.03 -13.08 -19.94
CA VAL A 269 22.58 -14.35 -19.49
C VAL A 269 21.69 -15.53 -19.88
N PRO A 270 22.28 -16.56 -20.51
CA PRO A 270 21.51 -17.76 -20.89
C PRO A 270 20.94 -18.42 -19.64
N GLY A 271 21.64 -18.27 -18.52
CA GLY A 271 21.13 -18.67 -17.23
C GLY A 271 19.78 -18.05 -16.90
N LEU A 272 19.62 -16.76 -17.15
CA LEU A 272 18.35 -16.10 -16.87
C LEU A 272 17.29 -16.50 -17.87
N MET A 273 17.70 -16.69 -19.12
CA MET A 273 16.77 -17.05 -20.17
C MET A 273 16.28 -18.50 -19.95
N MET A 274 17.10 -19.33 -19.31
CA MET A 274 16.63 -20.66 -18.91
C MET A 274 15.38 -20.56 -18.00
N TYR A 275 15.44 -19.74 -16.96
CA TYR A 275 14.29 -19.57 -16.05
C TYR A 275 13.11 -18.78 -16.68
N ALA A 276 13.41 -17.78 -17.52
CA ALA A 276 12.36 -17.12 -18.28
C ALA A 276 11.56 -18.14 -19.09
N THR A 277 12.26 -19.08 -19.72
CA THR A 277 11.60 -20.09 -20.53
C THR A 277 10.84 -21.08 -19.65
N ILE A 278 11.41 -21.46 -18.51
CA ILE A 278 10.77 -22.42 -17.61
C ILE A 278 9.45 -21.85 -17.11
N TRP A 279 9.47 -20.57 -16.69
CA TRP A 279 8.28 -19.92 -16.13
C TRP A 279 7.24 -19.54 -17.18
N LEU A 280 7.67 -19.20 -18.38
CA LEU A 280 6.75 -19.03 -19.49
C LEU A 280 6.02 -20.35 -19.74
N ARG A 281 6.76 -21.45 -19.82
CA ARG A 281 6.12 -22.78 -19.96
C ARG A 281 5.10 -23.08 -18.85
N GLU A 282 5.46 -22.74 -17.61
CA GLU A 282 4.63 -22.98 -16.45
C GLU A 282 3.32 -22.21 -16.53
N HIS A 283 3.39 -20.93 -16.90
CA HIS A 283 2.19 -20.16 -17.10
C HIS A 283 1.22 -20.80 -18.11
N ASN A 284 1.73 -21.26 -19.25
CA ASN A 284 0.86 -21.77 -20.28
C ASN A 284 0.30 -23.12 -19.88
N ARG A 285 1.09 -23.86 -19.12
CA ARG A 285 0.66 -25.13 -18.53
C ARG A 285 -0.48 -24.89 -17.52
N VAL A 286 -0.34 -23.87 -16.65
CA VAL A 286 -1.40 -23.58 -15.69
C VAL A 286 -2.68 -23.13 -16.40
N CYS A 287 -2.54 -22.36 -17.48
CA CYS A 287 -3.68 -22.07 -18.38
C CYS A 287 -4.43 -23.30 -18.88
N ASP A 288 -3.68 -24.31 -19.35
CA ASP A 288 -4.30 -25.55 -19.84
C ASP A 288 -5.10 -26.25 -18.76
N ILE A 289 -4.58 -26.25 -17.52
CA ILE A 289 -5.28 -26.89 -16.40
C ILE A 289 -6.58 -26.12 -16.13
N LEU A 290 -6.49 -24.79 -16.01
CA LEU A 290 -7.65 -23.96 -15.70
C LEU A 290 -8.70 -24.01 -16.81
N LYS A 291 -8.26 -24.09 -18.07
CA LYS A 291 -9.20 -24.19 -19.20
C LYS A 291 -10.02 -25.47 -19.09
N GLN A 292 -9.35 -26.57 -18.70
CA GLN A 292 -10.02 -27.84 -18.44
C GLN A 292 -11.04 -27.75 -17.30
N GLU A 293 -10.70 -27.04 -16.22
CA GLU A 293 -11.59 -26.80 -15.07
C GLU A 293 -12.72 -25.83 -15.36
N HIS A 294 -12.44 -24.82 -16.16
CA HIS A 294 -13.39 -23.76 -16.45
C HIS A 294 -13.46 -23.54 -17.97
N PRO A 295 -14.17 -24.44 -18.69
CA PRO A 295 -14.35 -24.23 -20.14
C PRO A 295 -15.22 -23.01 -20.40
N GLU A 296 -15.90 -22.55 -19.35
CA GLU A 296 -16.72 -21.35 -19.44
C GLU A 296 -15.93 -20.02 -19.28
N TRP A 297 -14.66 -20.08 -18.96
CA TRP A 297 -13.89 -18.83 -18.69
C TRP A 297 -13.35 -18.16 -19.97
N GLY A 298 -13.17 -16.84 -19.94
CA GLY A 298 -12.51 -16.18 -21.06
C GLY A 298 -11.01 -16.15 -20.91
N ASP A 299 -10.33 -15.67 -21.93
CA ASP A 299 -8.88 -15.48 -21.93
C ASP A 299 -8.42 -14.60 -20.76
N GLU A 300 -9.12 -13.49 -20.54
CA GLU A 300 -8.71 -12.54 -19.50
C GLU A 300 -8.70 -13.19 -18.10
N GLN A 301 -9.75 -13.93 -17.74
CA GLN A 301 -9.78 -14.54 -16.40
C GLN A 301 -8.76 -15.68 -16.30
N LEU A 302 -8.56 -16.39 -17.40
CA LEU A 302 -7.56 -17.45 -17.42
C LEU A 302 -6.15 -16.88 -17.15
N PHE A 303 -5.79 -15.81 -17.87
CA PHE A 303 -4.52 -15.17 -17.67
C PHE A 303 -4.29 -14.72 -16.23
N GLN A 304 -5.28 -14.03 -15.67
CA GLN A 304 -5.13 -13.35 -14.40
C GLN A 304 -5.04 -14.36 -13.31
N THR A 305 -5.86 -15.41 -13.40
CA THR A 305 -5.85 -16.47 -12.40
C THR A 305 -4.54 -17.27 -12.45
N SER A 306 -4.00 -17.48 -13.66
CA SER A 306 -2.73 -18.14 -13.77
C SER A 306 -1.63 -17.31 -13.15
N ARG A 307 -1.70 -15.99 -13.35
CA ARG A 307 -0.71 -15.09 -12.78
C ARG A 307 -0.68 -15.23 -11.26
N LEU A 308 -1.86 -15.18 -10.64
CA LEU A 308 -1.98 -15.35 -9.17
C LEU A 308 -1.40 -16.68 -8.69
N ILE A 309 -1.67 -17.74 -9.46
CA ILE A 309 -1.17 -19.07 -9.14
C ILE A 309 0.37 -19.10 -9.20
N LEU A 310 0.95 -18.55 -10.25
CA LEU A 310 2.42 -18.47 -10.34
C LEU A 310 3.07 -17.67 -9.21
N ILE A 311 2.40 -16.61 -8.76
CA ILE A 311 2.92 -15.80 -7.66
C ILE A 311 2.97 -16.71 -6.44
N GLY A 312 1.85 -17.39 -6.16
CA GLY A 312 1.82 -18.41 -5.10
C GLY A 312 2.92 -19.46 -5.20
N GLU A 313 3.11 -20.02 -6.40
CA GLU A 313 4.20 -20.97 -6.66
C GLU A 313 5.58 -20.38 -6.32
N THR A 314 5.81 -19.15 -6.77
CA THR A 314 7.08 -18.47 -6.54
C THR A 314 7.35 -18.35 -5.05
N ILE A 315 6.36 -17.88 -4.31
CA ILE A 315 6.56 -17.68 -2.88
C ILE A 315 6.82 -19.01 -2.18
N LYS A 316 6.03 -20.01 -2.55
CA LYS A 316 6.19 -21.36 -2.02
C LYS A 316 7.63 -21.86 -2.25
N ILE A 317 8.16 -21.72 -3.47
CA ILE A 317 9.49 -22.26 -3.80
C ILE A 317 10.57 -21.47 -3.10
N VAL A 318 10.38 -20.17 -3.02
CA VAL A 318 11.35 -19.31 -2.39
C VAL A 318 11.47 -19.67 -0.92
N ILE A 319 10.36 -19.90 -0.24
CA ILE A 319 10.43 -20.26 1.17
C ILE A 319 10.99 -21.66 1.42
N GLU A 320 10.41 -22.67 0.75
CA GLU A 320 10.63 -24.06 1.13
C GLU A 320 11.83 -24.73 0.45
N ASP A 321 12.29 -24.16 -0.67
CA ASP A 321 13.48 -24.65 -1.31
C ASP A 321 14.64 -23.68 -1.18
N TYR A 322 14.41 -22.42 -1.56
CA TYR A 322 15.45 -21.45 -1.68
C TYR A 322 15.98 -20.92 -0.35
N VAL A 323 15.10 -20.33 0.45
CA VAL A 323 15.44 -19.93 1.81
C VAL A 323 15.84 -21.16 2.65
N GLN A 324 15.10 -22.27 2.52
CA GLN A 324 15.44 -23.51 3.23
C GLN A 324 16.91 -23.91 3.03
N HIS A 325 17.34 -23.96 1.76
CA HIS A 325 18.72 -24.23 1.41
C HIS A 325 19.69 -23.19 1.95
N LEU A 326 19.39 -21.90 1.79
CA LEU A 326 20.25 -20.83 2.32
C LEU A 326 20.46 -20.89 3.84
N SER A 327 19.39 -21.23 4.56
CA SER A 327 19.35 -21.17 6.00
C SER A 327 20.31 -22.12 6.66
N GLY A 328 20.50 -23.29 6.06
CA GLY A 328 21.22 -24.40 6.68
C GLY A 328 20.45 -25.08 7.80
N TYR A 329 19.17 -24.75 7.96
CA TYR A 329 18.38 -25.30 9.08
C TYR A 329 18.05 -26.77 8.86
N HIS A 330 17.99 -27.51 9.96
CA HIS A 330 17.44 -28.85 9.97
C HIS A 330 15.91 -28.79 10.01
N PHE A 331 15.39 -27.73 10.59
CA PHE A 331 13.95 -27.45 10.61
C PHE A 331 13.43 -27.12 9.20
N LYS A 332 12.28 -27.71 8.83
CA LYS A 332 11.68 -27.45 7.51
C LYS A 332 10.75 -26.25 7.55
N LEU A 333 11.21 -25.13 7.01
CA LEU A 333 10.37 -23.96 6.79
C LEU A 333 9.10 -24.32 6.03
N LYS A 334 8.01 -23.62 6.34
CA LYS A 334 6.70 -23.85 5.72
C LYS A 334 6.13 -22.57 5.12
N PHE A 335 5.59 -22.63 3.90
CA PHE A 335 4.79 -21.52 3.39
C PHE A 335 3.34 -21.75 3.74
N ASP A 336 2.86 -20.94 4.68
CA ASP A 336 1.48 -21.03 5.16
C ASP A 336 0.98 -19.72 5.75
N PRO A 337 0.25 -18.94 4.93
CA PRO A 337 -0.22 -17.61 5.33
C PRO A 337 -1.13 -17.63 6.57
N GLU A 338 -1.81 -18.77 6.77
CA GLU A 338 -2.74 -18.99 7.87
C GLU A 338 -2.08 -18.70 9.23
N LEU A 339 -0.77 -18.82 9.28
CA LEU A 339 -0.01 -18.63 10.50
C LEU A 339 -0.01 -17.19 11.01
N LEU A 340 -0.26 -16.25 10.11
CA LEU A 340 -0.29 -14.84 10.49
C LEU A 340 -1.70 -14.31 10.73
N PHE A 341 -2.73 -15.14 10.52
CA PHE A 341 -4.10 -14.62 10.62
C PHE A 341 -4.50 -14.10 12.01
N ASN A 342 -3.99 -14.72 13.07
CA ASN A 342 -4.21 -14.18 14.41
C ASN A 342 -3.04 -13.32 14.93
N GLN A 343 -2.24 -12.80 14.01
CA GLN A 343 -1.06 -11.99 14.38
C GLN A 343 -1.23 -10.59 13.85
N GLN A 344 -0.44 -9.65 14.37
CA GLN A 344 -0.37 -8.32 13.78
C GLN A 344 0.66 -8.34 12.67
N PHE A 345 0.29 -7.90 11.47
CA PHE A 345 1.16 -7.99 10.31
C PHE A 345 0.57 -7.14 9.21
N GLN A 346 1.41 -6.36 8.55
CA GLN A 346 0.96 -5.48 7.49
C GLN A 346 1.15 -6.16 6.15
N TYR A 347 0.09 -6.34 5.38
CA TYR A 347 0.22 -6.91 4.03
C TYR A 347 0.59 -5.82 3.03
N GLN A 348 1.81 -5.34 3.13
CA GLN A 348 2.30 -4.36 2.18
C GLN A 348 3.81 -4.49 2.24
N ASN A 349 4.52 -4.00 1.22
CA ASN A 349 5.97 -4.03 1.27
C ASN A 349 6.51 -2.87 0.49
N ARG A 350 7.67 -2.35 0.90
CA ARG A 350 8.40 -1.39 0.10
C ARG A 350 9.87 -1.87 0.02
N ILE A 351 10.42 -2.00 -1.19
CA ILE A 351 11.79 -2.51 -1.34
C ILE A 351 12.86 -1.55 -0.77
N ALA A 352 13.71 -2.08 0.10
CA ALA A 352 14.77 -1.26 0.70
C ALA A 352 16.03 -1.26 -0.15
N SER A 353 16.62 -0.08 -0.30
CA SER A 353 17.92 0.04 -0.90
C SER A 353 18.94 -0.90 -0.27
N GLU A 354 18.96 -1.01 1.06
CA GLU A 354 19.95 -1.91 1.68
C GLU A 354 19.74 -3.39 1.39
N PHE A 355 18.51 -3.75 1.04
CA PHE A 355 18.18 -5.13 0.65
C PHE A 355 18.80 -5.39 -0.72
N ASN A 356 18.68 -4.40 -1.62
CA ASN A 356 19.34 -4.39 -2.91
C ASN A 356 20.86 -4.56 -2.75
N THR A 357 21.45 -3.71 -1.92
CA THR A 357 22.88 -3.73 -1.71
C THR A 357 23.36 -5.09 -1.21
N LEU A 358 22.71 -5.65 -0.20
CA LEU A 358 23.21 -6.88 0.40
C LEU A 358 23.06 -8.10 -0.53
N TYR A 359 22.21 -7.95 -1.55
CA TYR A 359 21.93 -9.02 -2.47
C TYR A 359 22.88 -9.04 -3.66
N HIS A 360 23.93 -8.25 -3.59
CA HIS A 360 24.96 -8.26 -4.65
C HIS A 360 25.92 -9.42 -4.47
N TRP A 361 25.40 -10.63 -4.71
CA TRP A 361 26.12 -11.86 -4.49
C TRP A 361 26.95 -12.28 -5.71
N HIS A 362 27.69 -11.33 -6.28
CA HIS A 362 28.47 -11.71 -7.44
CA HIS A 362 28.64 -11.57 -7.41
C HIS A 362 29.55 -12.77 -7.15
N PRO A 363 29.99 -12.94 -5.88
CA PRO A 363 30.86 -14.09 -5.63
C PRO A 363 30.24 -15.47 -5.93
N LEU A 364 28.92 -15.58 -5.98
CA LEU A 364 28.33 -16.84 -6.44
C LEU A 364 28.89 -17.31 -7.79
N LEU A 365 29.24 -16.34 -8.65
CA LEU A 365 29.60 -16.63 -10.04
C LEU A 365 30.87 -17.44 -10.19
N PRO A 366 30.83 -18.47 -11.04
CA PRO A 366 32.00 -19.28 -11.28
C PRO A 366 33.00 -18.64 -12.25
N ASP A 367 34.16 -19.28 -12.43
CA ASP A 367 35.18 -18.81 -13.35
C ASP A 367 34.82 -19.11 -14.81
N THR A 368 34.16 -20.25 -15.02
CA THR A 368 33.59 -20.63 -16.31
C THR A 368 32.25 -21.30 -16.12
N PHE A 369 31.46 -21.38 -17.20
CA PHE A 369 30.14 -21.97 -17.16
C PHE A 369 30.17 -23.30 -17.87
N ASN A 370 30.01 -24.36 -17.08
CA ASN A 370 30.20 -25.72 -17.57
C ASN A 370 28.89 -26.36 -17.97
N ILE A 371 28.64 -26.43 -19.28
CA ILE A 371 27.48 -27.12 -19.80
C ILE A 371 27.90 -28.27 -20.69
N GLU A 372 27.52 -29.48 -20.28
CA GLU A 372 27.78 -30.71 -21.02
C GLU A 372 29.32 -30.92 -21.01
N ASP A 373 29.96 -30.89 -22.17
CA ASP A 373 31.42 -31.01 -22.23
C ASP A 373 32.13 -29.65 -22.41
N GLN A 374 31.36 -28.59 -22.56
CA GLN A 374 31.94 -27.28 -22.83
C GLN A 374 32.21 -26.49 -21.56
N GLU A 375 33.23 -25.64 -21.60
CA GLU A 375 33.49 -24.69 -20.53
C GLU A 375 33.45 -23.30 -21.12
N TYR A 376 32.44 -22.52 -20.77
CA TYR A 376 32.30 -21.18 -21.34
C TYR A 376 32.88 -20.09 -20.48
N SER A 377 33.70 -19.24 -21.09
CA SER A 377 34.16 -18.03 -20.44
C SER A 377 33.00 -17.04 -20.36
N PHE A 378 33.16 -16.01 -19.52
CA PHE A 378 32.17 -14.94 -19.41
C PHE A 378 31.90 -14.32 -20.76
N LYS A 379 32.95 -13.95 -21.48
CA LYS A 379 32.85 -13.34 -22.81
C LYS A 379 32.00 -14.21 -23.74
N GLN A 380 32.16 -15.53 -23.67
CA GLN A 380 31.44 -16.47 -24.53
C GLN A 380 29.97 -16.63 -24.12
N PHE A 381 29.73 -16.58 -22.82
CA PHE A 381 28.43 -16.87 -22.22
C PHE A 381 27.49 -15.68 -22.25
N LEU A 382 28.05 -14.48 -22.11
CA LEU A 382 27.25 -13.25 -22.10
C LEU A 382 26.54 -13.08 -23.42
N TYR A 383 25.22 -12.89 -23.32
CA TYR A 383 24.35 -12.61 -24.46
C TYR A 383 24.24 -13.76 -25.47
N ASN A 384 24.70 -14.95 -25.11
CA ASN A 384 24.68 -16.09 -26.03
C ASN A 384 23.55 -17.07 -25.79
N ASN A 385 22.36 -16.69 -26.21
CA ASN A 385 21.22 -17.61 -26.17
C ASN A 385 21.39 -18.81 -27.11
N SER A 386 22.28 -18.67 -28.08
CA SER A 386 22.69 -19.78 -28.93
C SER A 386 23.10 -21.04 -28.16
N ILE A 387 23.77 -20.83 -27.03
CA ILE A 387 24.20 -21.89 -26.12
C ILE A 387 23.01 -22.64 -25.57
N LEU A 388 21.97 -21.89 -25.20
CA LEU A 388 20.71 -22.43 -24.72
C LEU A 388 20.07 -23.34 -25.76
N LEU A 389 19.99 -22.88 -27.00
CA LEU A 389 19.37 -23.65 -28.06
C LEU A 389 20.16 -24.88 -28.45
N GLU A 390 21.49 -24.74 -28.48
CA GLU A 390 22.40 -25.83 -28.83
C GLU A 390 22.31 -27.00 -27.87
N HIS A 391 22.42 -26.69 -26.58
CA HIS A 391 22.40 -27.67 -25.52
C HIS A 391 20.99 -28.08 -25.07
N GLY A 392 20.03 -27.15 -25.10
CA GLY A 392 18.67 -27.45 -24.62
C GLY A 392 18.52 -27.21 -23.13
N LEU A 393 17.29 -26.99 -22.69
CA LEU A 393 17.00 -26.82 -21.27
C LEU A 393 17.37 -28.01 -20.41
N THR A 394 17.14 -29.23 -20.92
CA THR A 394 17.45 -30.46 -20.21
C THR A 394 18.94 -30.48 -19.79
N GLN A 395 19.85 -30.28 -20.75
CA GLN A 395 21.29 -30.19 -20.42
C GLN A 395 21.65 -28.98 -19.56
N PHE A 396 21.00 -27.85 -19.78
CA PHE A 396 21.20 -26.72 -18.88
C PHE A 396 20.96 -27.09 -17.41
N VAL A 397 19.84 -27.74 -17.15
CA VAL A 397 19.49 -28.10 -15.79
C VAL A 397 20.47 -29.11 -15.21
N GLU A 398 20.78 -30.15 -15.98
CA GLU A 398 21.66 -31.21 -15.52
C GLU A 398 23.05 -30.65 -15.20
N SER A 399 23.53 -29.73 -16.04
CA SER A 399 24.86 -29.16 -15.88
C SER A 399 24.91 -28.17 -14.70
N PHE A 400 23.87 -27.33 -14.60
CA PHE A 400 23.83 -26.33 -13.57
C PHE A 400 23.55 -26.91 -12.21
N THR A 401 22.88 -28.07 -12.16
CA THR A 401 22.64 -28.76 -10.91
C THR A 401 23.95 -29.31 -10.36
N ARG A 402 24.88 -29.61 -11.27
CA ARG A 402 26.14 -30.26 -10.93
C ARG A 402 27.29 -29.28 -10.63
N GLN A 403 27.22 -28.05 -11.14
CA GLN A 403 28.33 -27.09 -10.97
C GLN A 403 28.19 -26.27 -9.68
N ILE A 404 29.27 -26.23 -8.90
CA ILE A 404 29.27 -25.54 -7.62
C ILE A 404 29.37 -24.00 -7.82
N ALA A 405 28.67 -23.26 -6.97
CA ALA A 405 28.75 -21.81 -6.91
C ALA A 405 29.81 -21.43 -5.90
N GLY A 406 30.18 -20.14 -5.92
CA GLY A 406 31.22 -19.62 -5.05
C GLY A 406 30.70 -19.17 -3.72
N ARG A 407 31.57 -19.16 -2.72
CA ARG A 407 31.22 -18.69 -1.38
C ARG A 407 31.05 -17.17 -1.41
N VAL A 408 30.08 -16.63 -0.66
CA VAL A 408 29.81 -15.19 -0.69
C VAL A 408 30.58 -14.39 0.37
N ALA A 409 30.45 -14.74 1.65
CA ALA A 409 31.32 -14.15 2.65
C ALA A 409 32.74 -14.78 2.62
N GLY A 410 33.60 -14.34 3.54
CA GLY A 410 34.95 -14.92 3.70
C GLY A 410 36.03 -14.19 2.93
N GLY A 411 35.65 -13.20 2.13
CA GLY A 411 36.60 -12.35 1.39
C GLY A 411 37.10 -12.91 0.06
N ARG A 412 37.64 -12.01 -0.77
CA ARG A 412 38.43 -12.35 -1.96
C ARG A 412 37.80 -13.45 -2.81
N ASN A 413 36.55 -13.25 -3.19
CA ASN A 413 35.91 -14.19 -4.06
C ASN A 413 35.06 -13.59 -5.18
N VAL A 414 35.22 -12.30 -5.44
CA VAL A 414 34.48 -11.65 -6.53
C VAL A 414 35.23 -11.81 -7.85
N PRO A 415 34.63 -12.50 -8.85
CA PRO A 415 35.36 -12.75 -10.10
C PRO A 415 35.72 -11.43 -10.79
N ILE A 416 36.95 -11.31 -11.30
CA ILE A 416 37.43 -10.05 -11.89
C ILE A 416 36.63 -9.66 -13.14
N ALA A 417 35.89 -10.60 -13.73
CA ALA A 417 35.00 -10.33 -14.87
C ALA A 417 33.92 -9.28 -14.53
N VAL A 418 33.54 -9.21 -13.25
CA VAL A 418 32.50 -8.28 -12.81
C VAL A 418 33.05 -7.25 -11.79
N GLN A 419 34.34 -6.96 -11.88
CA GLN A 419 34.95 -6.05 -10.91
C GLN A 419 34.33 -4.64 -10.93
N ALA A 420 33.89 -4.21 -12.11
CA ALA A 420 33.29 -2.89 -12.30
C ALA A 420 31.98 -2.78 -11.51
N VAL A 421 31.26 -3.89 -11.43
CA VAL A 421 29.97 -3.99 -10.74
C VAL A 421 30.16 -3.90 -9.23
N ALA A 422 31.13 -4.65 -8.71
CA ALA A 422 31.48 -4.59 -7.30
C ALA A 422 31.99 -3.21 -6.90
N LYS A 423 32.85 -2.59 -7.72
CA LYS A 423 33.29 -1.22 -7.43
C LYS A 423 32.07 -0.31 -7.31
N ALA A 424 31.11 -0.53 -8.21
CA ALA A 424 29.91 0.31 -8.31
C ALA A 424 29.05 0.17 -7.08
N SER A 425 28.93 -1.04 -6.57
CA SER A 425 28.25 -1.26 -5.31
C SER A 425 28.80 -0.39 -4.19
N ILE A 426 30.14 -0.28 -4.12
CA ILE A 426 30.79 0.56 -3.14
C ILE A 426 30.55 2.05 -3.40
N ASP A 427 30.84 2.51 -4.62
CA ASP A 427 30.66 3.90 -4.99
C ASP A 427 29.19 4.36 -4.82
N GLN A 428 28.25 3.49 -5.13
CA GLN A 428 26.86 3.86 -5.03
C GLN A 428 26.34 3.92 -3.60
N SER A 429 26.86 3.03 -2.74
CA SER A 429 26.62 3.09 -1.30
C SER A 429 27.00 4.46 -0.80
N ARG A 430 28.13 4.97 -1.30
CA ARG A 430 28.66 6.23 -0.80
C ARG A 430 27.84 7.35 -1.36
N GLU A 431 27.45 7.26 -2.62
CA GLU A 431 26.66 8.33 -3.22
C GLU A 431 25.27 8.42 -2.53
N MET A 432 24.75 7.29 -2.06
CA MET A 432 23.47 7.22 -1.38
C MET A 432 23.60 7.48 0.12
N LYS A 433 24.83 7.83 0.50
CA LYS A 433 25.18 8.20 1.88
CA LYS A 433 25.22 8.16 1.88
C LYS A 433 24.79 7.14 2.95
N TYR A 434 25.04 5.87 2.66
CA TYR A 434 24.84 4.80 3.64
C TYR A 434 25.57 5.04 4.95
N GLN A 435 24.90 4.72 6.05
CA GLN A 435 25.54 4.61 7.34
C GLN A 435 26.50 3.42 7.38
N SER A 436 27.30 3.37 8.43
CA SER A 436 28.37 2.39 8.51
C SER A 436 27.82 0.99 8.88
N LEU A 437 28.64 -0.04 8.74
CA LEU A 437 28.30 -1.41 9.09
C LEU A 437 27.76 -1.54 10.52
N ASN A 438 28.45 -0.94 11.48
CA ASN A 438 28.06 -1.07 12.87
C ASN A 438 26.77 -0.34 13.17
N GLU A 439 26.50 0.75 12.45
CA GLU A 439 25.18 1.37 12.58
C GLU A 439 24.12 0.40 12.08
N TYR A 440 24.37 -0.27 10.95
CA TYR A 440 23.40 -1.24 10.43
C TYR A 440 23.24 -2.46 11.34
N ARG A 441 24.34 -2.91 11.94
CA ARG A 441 24.28 -4.03 12.85
C ARG A 441 23.39 -3.66 14.04
N LYS A 442 23.62 -2.50 14.66
CA LYS A 442 22.80 -2.02 15.78
C LYS A 442 21.29 -1.90 15.44
N ARG A 443 20.99 -1.38 14.25
CA ARG A 443 19.62 -1.30 13.73
C ARG A 443 18.92 -2.69 13.69
N PHE A 444 19.71 -3.75 13.55
CA PHE A 444 19.16 -5.09 13.37
C PHE A 444 19.45 -5.99 14.55
N SER A 445 19.67 -5.36 15.72
CA SER A 445 19.83 -6.00 17.03
C SER A 445 21.08 -6.86 17.19
N LEU A 446 22.17 -6.40 16.60
CA LEU A 446 23.45 -7.08 16.69
C LEU A 446 24.45 -6.19 17.44
N LYS A 447 25.33 -6.79 18.25
CA LYS A 447 26.45 -6.06 18.82
C LYS A 447 27.37 -5.51 17.69
N PRO A 448 27.77 -4.22 17.78
CA PRO A 448 28.73 -3.67 16.82
C PRO A 448 30.06 -4.43 16.90
N TYR A 449 30.72 -4.61 15.77
CA TYR A 449 32.05 -5.22 15.79
C TYR A 449 33.06 -4.31 16.48
N THR A 450 33.95 -4.88 17.30
CA THR A 450 34.96 -4.10 18.06
C THR A 450 36.35 -4.01 17.40
N SER A 451 36.57 -4.79 16.35
CA SER A 451 37.83 -4.75 15.61
C SER A 451 37.65 -5.40 14.26
N PHE A 452 38.59 -5.15 13.35
CA PHE A 452 38.54 -5.76 12.03
C PHE A 452 38.79 -7.27 12.09
N GLU A 453 39.58 -7.71 13.07
CA GLU A 453 39.86 -9.14 13.24
C GLU A 453 38.60 -9.89 13.67
N GLU A 454 37.76 -9.24 14.49
CA GLU A 454 36.50 -9.83 14.90
C GLU A 454 35.56 -9.99 13.68
N LEU A 455 35.52 -8.98 12.80
CA LEU A 455 34.74 -9.03 11.55
C LEU A 455 35.13 -10.17 10.59
N THR A 456 36.44 -10.35 10.36
CA THR A 456 36.90 -11.29 9.36
C THR A 456 37.20 -12.68 9.92
N GLY A 457 37.55 -12.76 11.19
CA GLY A 457 37.88 -14.02 11.85
C GLY A 457 39.28 -14.48 11.50
N GLU A 458 40.06 -13.58 10.93
CA GLU A 458 41.33 -13.89 10.28
C GLU A 458 42.26 -12.66 10.51
N LYS A 459 43.52 -12.72 10.07
CA LYS A 459 44.47 -11.64 10.36
C LYS A 459 44.90 -10.78 9.15
N GLU A 460 45.08 -11.41 8.00
CA GLU A 460 45.61 -10.71 6.82
C GLU A 460 44.68 -9.66 6.20
N MET A 461 43.41 -9.98 5.99
CA MET A 461 42.44 -8.99 5.46
C MET A 461 42.12 -7.94 6.51
N ALA A 462 42.08 -8.37 7.77
CA ALA A 462 41.83 -7.48 8.89
C ALA A 462 42.87 -6.36 8.96
N ALA A 463 44.11 -6.67 8.61
CA ALA A 463 45.18 -5.68 8.66
C ALA A 463 45.07 -4.74 7.47
N GLU A 464 44.73 -5.27 6.30
CA GLU A 464 44.53 -4.41 5.14
C GLU A 464 43.34 -3.47 5.40
N LEU A 465 42.24 -4.00 5.92
CA LEU A 465 41.08 -3.16 6.21
C LEU A 465 41.39 -2.08 7.27
N LYS A 466 42.23 -2.39 8.25
CA LYS A 466 42.55 -1.43 9.30
C LYS A 466 43.40 -0.29 8.77
N ALA A 467 44.31 -0.59 7.85
CA ALA A 467 45.16 0.43 7.26
C ALA A 467 44.36 1.32 6.32
N LEU A 468 43.26 0.77 5.78
CA LEU A 468 42.40 1.48 4.84
C LEU A 468 41.35 2.36 5.56
N TYR A 469 40.72 1.81 6.58
CA TYR A 469 39.58 2.46 7.24
C TYR A 469 39.92 3.13 8.58
N SER A 470 41.00 2.67 9.23
CA SER A 470 41.41 3.07 10.60
C SER A 470 40.51 2.67 11.75
N ASP A 471 39.20 2.95 11.63
CA ASP A 471 38.28 2.69 12.71
C ASP A 471 37.21 1.74 12.21
N ILE A 472 36.95 0.66 12.96
CA ILE A 472 35.88 -0.34 12.69
C ILE A 472 34.47 0.32 12.62
N ASP A 473 34.29 1.40 13.36
CA ASP A 473 33.03 2.10 13.39
C ASP A 473 32.75 2.84 12.09
N VAL A 474 33.76 2.98 11.22
CA VAL A 474 33.50 3.50 9.87
C VAL A 474 33.64 2.48 8.72
N MET A 475 33.75 1.18 9.06
CA MET A 475 33.74 0.15 8.03
C MET A 475 32.40 0.17 7.30
N GLU A 476 32.40 -0.04 5.99
CA GLU A 476 31.20 0.09 5.19
C GLU A 476 30.42 -1.21 5.12
N LEU A 477 29.12 -1.11 4.88
CA LEU A 477 28.24 -2.27 4.83
C LEU A 477 28.60 -3.26 3.75
N TYR A 478 28.67 -2.83 2.50
CA TYR A 478 28.78 -3.80 1.41
C TYR A 478 30.12 -4.58 1.43
N PRO A 479 31.26 -3.87 1.50
CA PRO A 479 32.47 -4.70 1.59
C PRO A 479 32.45 -5.62 2.83
N ALA A 480 31.83 -5.16 3.92
CA ALA A 480 31.82 -5.95 5.16
C ALA A 480 31.08 -7.27 4.99
N LEU A 481 29.96 -7.25 4.27
CA LEU A 481 29.20 -8.46 4.02
C LEU A 481 30.00 -9.49 3.23
N LEU A 482 30.90 -9.02 2.38
CA LEU A 482 31.67 -9.95 1.55
C LEU A 482 32.94 -10.46 2.22
N VAL A 483 33.41 -9.78 3.26
CA VAL A 483 34.64 -10.24 3.96
C VAL A 483 34.34 -10.89 5.30
N GLU A 484 33.10 -10.77 5.76
CA GLU A 484 32.71 -11.27 7.06
C GLU A 484 33.05 -12.74 7.26
N LYS A 485 33.44 -13.07 8.49
CA LYS A 485 33.61 -14.45 8.89
C LYS A 485 32.27 -15.18 8.72
N PRO A 486 32.24 -16.23 7.88
CA PRO A 486 31.02 -17.00 7.69
C PRO A 486 30.67 -17.81 8.93
N HIS A 487 29.38 -18.05 9.09
CA HIS A 487 28.89 -19.09 9.98
C HIS A 487 29.63 -20.40 9.63
N PRO A 488 29.78 -21.29 10.61
CA PRO A 488 30.57 -22.51 10.34
C PRO A 488 30.10 -23.27 9.09
N ASP A 489 31.05 -23.49 8.17
CA ASP A 489 30.82 -24.10 6.84
C ASP A 489 29.67 -23.49 6.06
N ALA A 490 29.51 -22.18 6.16
CA ALA A 490 28.38 -21.53 5.55
C ALA A 490 28.85 -20.60 4.43
N ILE A 491 27.88 -20.19 3.61
CA ILE A 491 28.08 -19.28 2.51
C ILE A 491 28.04 -17.82 3.01
N PHE A 492 27.34 -17.57 4.11
CA PHE A 492 27.15 -16.19 4.60
C PHE A 492 27.66 -16.01 5.99
N GLY A 493 27.76 -14.75 6.37
CA GLY A 493 28.01 -14.38 7.75
C GLY A 493 26.74 -13.92 8.41
N GLU A 494 26.87 -13.68 9.71
CA GLU A 494 25.82 -13.25 10.59
C GLU A 494 25.08 -12.01 10.06
N THR A 495 25.83 -11.04 9.53
CA THR A 495 25.22 -9.77 9.14
C THR A 495 24.31 -9.93 7.91
N MET A 496 24.65 -10.85 7.02
CA MET A 496 23.85 -11.08 5.83
C MET A 496 22.51 -11.66 6.22
N VAL A 497 22.54 -12.67 7.09
CA VAL A 497 21.34 -13.37 7.53
C VAL A 497 20.43 -12.43 8.32
N GLU A 498 20.99 -11.72 9.30
CA GLU A 498 20.18 -10.87 10.19
C GLU A 498 19.54 -9.66 9.51
N LEU A 499 20.18 -9.13 8.47
CA LEU A 499 19.56 -8.07 7.69
C LEU A 499 18.66 -8.67 6.63
N GLY A 500 19.17 -9.67 5.95
CA GLY A 500 18.45 -10.27 4.86
C GLY A 500 17.11 -10.87 5.23
N ALA A 501 17.07 -11.67 6.31
CA ALA A 501 15.86 -12.41 6.68
C ALA A 501 14.61 -11.52 6.89
N PRO A 502 14.71 -10.42 7.67
CA PRO A 502 13.49 -9.62 7.83
C PRO A 502 13.03 -8.97 6.55
N PHE A 503 13.95 -8.58 5.68
CA PHE A 503 13.54 -8.01 4.40
C PHE A 503 12.79 -9.03 3.55
N SER A 504 13.26 -10.26 3.63
CA SER A 504 12.72 -11.39 2.89
CA SER A 504 12.69 -11.36 2.87
C SER A 504 11.28 -11.73 3.31
N LEU A 505 11.10 -11.94 4.62
CA LEU A 505 9.78 -12.23 5.20
C LEU A 505 8.73 -11.26 4.66
N LYS A 506 9.02 -9.98 4.83
CA LYS A 506 8.16 -8.89 4.44
C LYS A 506 7.85 -8.89 2.95
N GLY A 507 8.83 -9.19 2.11
CA GLY A 507 8.59 -9.28 0.67
C GLY A 507 7.83 -10.54 0.27
N LEU A 508 7.82 -11.54 1.13
CA LEU A 508 7.17 -12.80 0.81
C LEU A 508 5.80 -12.87 1.43
N MET A 509 5.71 -12.65 2.73
CA MET A 509 4.42 -12.75 3.41
C MET A 509 3.55 -11.51 3.20
N GLY A 510 4.18 -10.37 2.92
N GLY A 510 4.19 -10.38 2.90
CA GLY A 510 3.45 -9.12 2.70
CA GLY A 510 3.48 -9.10 2.69
C GLY A 510 2.51 -9.11 1.51
C GLY A 510 2.80 -8.92 1.34
N ASN A 511 2.79 -9.97 0.53
CA ASN A 511 2.09 -10.01 -0.75
C ASN A 511 0.59 -10.11 -0.46
N PRO A 512 -0.27 -9.44 -1.24
CA PRO A 512 -1.70 -9.56 -0.95
C PRO A 512 -2.25 -10.98 -1.05
N ILE A 513 -1.64 -11.88 -1.83
CA ILE A 513 -2.25 -13.22 -1.94
C ILE A 513 -2.17 -13.97 -0.62
N CYS A 514 -1.36 -13.44 0.32
CA CYS A 514 -1.20 -14.04 1.63
C CYS A 514 -2.20 -13.50 2.63
N SER A 515 -2.97 -12.50 2.22
CA SER A 515 -3.92 -11.87 3.12
C SER A 515 -5.16 -12.77 3.21
N PRO A 516 -5.88 -12.70 4.36
CA PRO A 516 -7.02 -13.60 4.55
C PRO A 516 -8.13 -13.52 3.48
N GLN A 517 -8.33 -12.37 2.85
CA GLN A 517 -9.34 -12.29 1.79
C GLN A 517 -8.88 -12.85 0.44
N TYR A 518 -7.57 -13.06 0.28
CA TYR A 518 -7.05 -13.68 -0.94
C TYR A 518 -6.78 -15.16 -0.75
N TRP A 519 -6.36 -15.55 0.46
CA TRP A 519 -5.92 -16.93 0.71
C TRP A 519 -7.08 -17.93 0.85
N LYS A 520 -7.72 -18.19 -0.29
CA LYS A 520 -8.97 -18.96 -0.41
C LYS A 520 -8.88 -19.66 -1.74
N PRO A 521 -9.49 -20.85 -1.88
CA PRO A 521 -9.45 -21.59 -3.17
C PRO A 521 -10.05 -20.82 -4.35
N SER A 522 -11.17 -20.12 -4.14
CA SER A 522 -11.80 -19.34 -5.22
C SER A 522 -10.88 -18.31 -5.88
N THR A 523 -9.92 -17.78 -5.13
CA THR A 523 -8.97 -16.83 -5.70
C THR A 523 -8.15 -17.45 -6.84
N PHE A 524 -7.90 -18.76 -6.75
CA PHE A 524 -7.03 -19.45 -7.72
C PHE A 524 -7.80 -20.40 -8.62
N GLY A 525 -9.10 -20.15 -8.75
CA GLY A 525 -9.93 -20.91 -9.64
C GLY A 525 -10.43 -22.22 -9.09
N GLY A 526 -10.44 -22.37 -7.76
CA GLY A 526 -10.92 -23.60 -7.13
C GLY A 526 -9.82 -24.40 -6.48
N GLU A 527 -10.17 -25.58 -5.95
CA GLU A 527 -9.19 -26.41 -5.26
C GLU A 527 -7.99 -26.77 -6.13
N VAL A 528 -8.21 -26.94 -7.43
CA VAL A 528 -7.14 -27.34 -8.35
C VAL A 528 -6.04 -26.28 -8.50
N GLY A 529 -6.45 -25.03 -8.67
CA GLY A 529 -5.49 -23.94 -8.64
C GLY A 529 -4.76 -23.85 -7.33
N PHE A 530 -5.50 -23.89 -6.22
CA PHE A 530 -4.93 -23.79 -4.87
C PHE A 530 -3.87 -24.85 -4.64
N LYS A 531 -4.14 -26.08 -5.10
CA LYS A 531 -3.22 -27.21 -4.90
C LYS A 531 -1.95 -27.12 -5.74
N ILE A 532 -2.01 -26.47 -6.90
CA ILE A 532 -0.80 -26.21 -7.68
C ILE A 532 0.19 -25.39 -6.84
N ILE A 533 -0.29 -24.35 -6.15
CA ILE A 533 0.54 -23.56 -5.25
C ILE A 533 1.14 -24.41 -4.11
N ASN A 534 0.28 -25.17 -3.44
CA ASN A 534 0.67 -25.80 -2.19
C ASN A 534 1.54 -27.05 -2.35
N THR A 535 1.70 -27.50 -3.59
CA THR A 535 2.58 -28.63 -3.87
C THR A 535 3.77 -28.25 -4.76
N ALA A 536 3.96 -26.95 -5.00
CA ALA A 536 5.06 -26.51 -5.86
C ALA A 536 6.42 -26.68 -5.18
N SER A 537 7.41 -27.03 -5.99
CA SER A 537 8.77 -27.22 -5.55
C SER A 537 9.65 -26.92 -6.74
N ILE A 538 10.95 -26.71 -6.51
CA ILE A 538 11.87 -26.41 -7.61
C ILE A 538 11.99 -27.66 -8.50
N GLN A 539 11.92 -28.83 -7.84
CA GLN A 539 11.91 -30.09 -8.59
CA GLN A 539 11.88 -30.12 -8.50
C GLN A 539 10.65 -30.20 -9.45
N SER A 540 9.47 -29.85 -8.93
CA SER A 540 8.24 -29.99 -9.74
C SER A 540 8.18 -28.99 -10.89
N LEU A 541 8.67 -27.78 -10.68
CA LEU A 541 8.78 -26.76 -11.74
C LEU A 541 9.55 -27.27 -12.95
N ILE A 542 10.74 -27.82 -12.71
CA ILE A 542 11.59 -28.37 -13.75
C ILE A 542 10.95 -29.63 -14.30
N CYS A 543 10.42 -30.47 -13.43
CA CYS A 543 9.83 -31.72 -13.90
C CYS A 543 8.67 -31.51 -14.89
N ASN A 544 7.82 -30.51 -14.62
CA ASN A 544 6.63 -30.26 -15.41
C ASN A 544 6.90 -29.51 -16.72
N ASN A 545 8.04 -28.80 -16.80
CA ASN A 545 8.31 -27.89 -17.93
C ASN A 545 9.58 -28.18 -18.70
N VAL A 546 10.35 -29.17 -18.26
CA VAL A 546 11.58 -29.54 -18.94
C VAL A 546 11.51 -30.98 -19.46
N LYS A 547 11.73 -31.16 -20.76
CA LYS A 547 11.71 -32.46 -21.43
C LYS A 547 12.60 -33.48 -20.69
N GLY A 548 12.07 -34.67 -20.43
CA GLY A 548 12.79 -35.72 -19.69
C GLY A 548 12.76 -35.66 -18.17
N CYS A 549 12.08 -34.66 -17.59
CA CYS A 549 12.02 -34.47 -16.13
C CYS A 549 13.35 -34.72 -15.36
N PRO A 550 14.40 -33.91 -15.66
CA PRO A 550 15.68 -34.09 -14.98
C PRO A 550 15.61 -33.81 -13.48
N PHE A 551 16.42 -34.52 -12.70
CA PHE A 551 16.52 -34.22 -11.28
C PHE A 551 17.15 -32.86 -11.15
N THR A 552 16.64 -32.05 -10.22
CA THR A 552 17.26 -30.78 -9.90
C THR A 552 17.18 -30.46 -8.42
N SER A 553 18.02 -29.53 -7.98
CA SER A 553 17.96 -28.98 -6.63
C SER A 553 18.90 -27.79 -6.56
N PHE A 554 18.95 -27.13 -5.40
CA PHE A 554 19.84 -25.97 -5.24
C PHE A 554 21.24 -26.33 -4.70
N ASN A 555 21.45 -27.57 -4.29
CA ASN A 555 22.77 -27.97 -3.85
C ASN A 555 23.35 -29.05 -4.76
N VAL A 556 24.67 -29.07 -4.92
CA VAL A 556 25.33 -30.17 -5.61
C VAL A 556 25.24 -31.38 -4.73
N HIS B 6 -26.09 -17.69 -19.54
CA HIS B 6 -25.59 -16.53 -18.73
C HIS B 6 -24.66 -16.96 -17.60
N HIS B 7 -23.96 -16.03 -16.96
CA HIS B 7 -23.12 -16.36 -15.81
C HIS B 7 -23.91 -17.09 -14.74
N PRO B 8 -23.40 -18.23 -14.24
CA PRO B 8 -24.10 -19.00 -13.19
C PRO B 8 -24.32 -18.25 -11.86
N CYS B 9 -23.53 -17.21 -11.62
CA CYS B 9 -23.60 -16.42 -10.38
C CYS B 9 -24.55 -15.20 -10.44
N CYS B 10 -25.20 -14.98 -11.58
CA CYS B 10 -26.11 -13.85 -11.76
C CYS B 10 -27.11 -13.64 -10.62
N SER B 11 -27.58 -14.73 -10.03
CA SER B 11 -28.61 -14.66 -8.98
C SER B 11 -28.04 -14.32 -7.59
N ASN B 12 -26.74 -13.99 -7.52
CA ASN B 12 -26.05 -13.77 -6.25
C ASN B 12 -26.36 -14.86 -5.21
N PRO B 13 -26.11 -16.14 -5.56
CA PRO B 13 -26.57 -17.25 -4.72
C PRO B 13 -25.86 -17.39 -3.37
N CYS B 14 -24.60 -16.95 -3.29
CA CYS B 14 -23.78 -17.11 -2.09
C CYS B 14 -24.01 -16.03 -1.02
N GLN B 15 -24.30 -16.47 0.21
CA GLN B 15 -24.62 -15.56 1.31
C GLN B 15 -23.46 -15.40 2.29
N ASN B 16 -23.57 -14.43 3.20
CA ASN B 16 -22.64 -14.25 4.34
C ASN B 16 -21.15 -14.05 4.00
N ARG B 17 -20.89 -13.36 2.88
CA ARG B 17 -19.54 -13.06 2.38
C ARG B 17 -18.84 -14.24 1.68
N GLY B 18 -19.59 -15.26 1.25
CA GLY B 18 -19.04 -16.38 0.48
C GLY B 18 -18.80 -15.93 -0.96
N GLU B 19 -17.74 -16.44 -1.59
CA GLU B 19 -17.39 -16.02 -2.95
C GLU B 19 -17.97 -17.00 -3.96
N CYS B 20 -18.63 -16.46 -4.98
CA CYS B 20 -19.20 -17.25 -6.05
C CYS B 20 -18.18 -17.48 -7.19
N MET B 21 -18.26 -18.64 -7.82
CA MET B 21 -17.34 -19.00 -8.88
C MET B 21 -18.05 -19.95 -9.81
N SER B 22 -17.98 -19.71 -11.11
CA SER B 22 -18.59 -20.63 -12.04
C SER B 22 -17.80 -21.94 -12.05
N THR B 23 -18.50 -23.06 -12.22
CA THR B 23 -17.87 -24.38 -12.32
C THR B 23 -18.43 -25.12 -13.54
N GLY B 24 -18.45 -24.44 -14.68
CA GLY B 24 -19.10 -24.97 -15.87
C GLY B 24 -20.00 -23.88 -16.39
N PHE B 25 -20.60 -24.09 -17.57
CA PHE B 25 -21.46 -23.09 -18.17
C PHE B 25 -22.73 -22.82 -17.35
N ASP B 26 -23.21 -23.83 -16.62
CA ASP B 26 -24.49 -23.77 -15.92
C ASP B 26 -24.43 -23.93 -14.39
N GLN B 27 -23.24 -24.02 -13.81
CA GLN B 27 -23.08 -24.40 -12.39
C GLN B 27 -22.17 -23.42 -11.63
N TYR B 28 -22.37 -23.30 -10.32
CA TYR B 28 -21.49 -22.47 -9.49
C TYR B 28 -21.04 -23.23 -8.26
N LYS B 29 -20.03 -22.68 -7.60
CA LYS B 29 -19.60 -23.12 -6.29
C LYS B 29 -19.38 -21.89 -5.38
N CYS B 30 -19.72 -22.03 -4.10
CA CYS B 30 -19.52 -20.98 -3.11
C CYS B 30 -18.28 -21.31 -2.27
N ASP B 31 -17.37 -20.33 -2.15
CA ASP B 31 -16.25 -20.49 -1.24
C ASP B 31 -16.67 -19.91 0.10
N CYS B 32 -16.76 -20.77 1.11
CA CYS B 32 -17.25 -20.39 2.44
C CYS B 32 -16.16 -20.14 3.48
N THR B 33 -14.90 -20.21 3.05
CA THR B 33 -13.74 -19.96 3.93
C THR B 33 -13.88 -18.73 4.84
N ARG B 34 -13.72 -18.97 6.14
CA ARG B 34 -13.69 -17.94 7.21
C ARG B 34 -14.96 -17.09 7.35
N THR B 35 -16.05 -17.52 6.73
CA THR B 35 -17.34 -16.80 6.82
C THR B 35 -18.08 -17.18 8.11
N GLY B 36 -17.78 -18.36 8.65
CA GLY B 36 -18.52 -18.90 9.78
C GLY B 36 -19.79 -19.67 9.38
N PHE B 37 -19.94 -19.92 8.07
CA PHE B 37 -21.09 -20.67 7.52
C PHE B 37 -20.63 -21.76 6.53
N TYR B 38 -21.50 -22.72 6.26
CA TYR B 38 -21.24 -23.71 5.21
C TYR B 38 -22.53 -24.09 4.48
N GLY B 39 -22.45 -25.13 3.66
CA GLY B 39 -23.54 -25.56 2.79
C GLY B 39 -23.39 -24.96 1.40
N GLU B 40 -24.19 -25.44 0.45
CA GLU B 40 -24.13 -24.98 -0.93
C GLU B 40 -24.01 -23.44 -1.07
N ASN B 41 -24.82 -22.70 -0.31
CA ASN B 41 -24.92 -21.26 -0.43
C ASN B 41 -24.37 -20.53 0.79
N CYS B 42 -23.57 -21.26 1.57
CA CYS B 42 -23.01 -20.77 2.85
C CYS B 42 -24.11 -20.21 3.77
N THR B 43 -25.17 -20.98 4.03
CA THR B 43 -26.25 -20.47 4.88
C THR B 43 -26.34 -21.19 6.23
N THR B 44 -25.78 -22.38 6.32
CA THR B 44 -25.82 -23.16 7.54
C THR B 44 -24.74 -22.67 8.52
N PRO B 45 -25.18 -22.08 9.65
CA PRO B 45 -24.29 -21.51 10.65
C PRO B 45 -23.45 -22.55 11.36
N GLU B 46 -22.18 -22.25 11.60
CA GLU B 46 -21.36 -23.04 12.51
C GLU B 46 -21.80 -22.76 13.95
N PHE B 47 -21.42 -23.64 14.87
CA PHE B 47 -21.93 -23.54 16.26
C PHE B 47 -21.56 -22.22 16.94
N LEU B 48 -20.29 -21.84 16.87
CA LEU B 48 -19.83 -20.56 17.43
C LEU B 48 -20.52 -19.36 16.79
N THR B 49 -20.86 -19.49 15.50
CA THR B 49 -21.60 -18.45 14.76
C THR B 49 -23.02 -18.29 15.32
N ARG B 50 -23.66 -19.42 15.62
CA ARG B 50 -24.94 -19.40 16.33
C ARG B 50 -24.85 -18.58 17.61
N ILE B 51 -23.80 -18.82 18.40
CA ILE B 51 -23.61 -18.16 19.70
C ILE B 51 -23.35 -16.65 19.53
N LYS B 52 -22.62 -16.29 18.47
CA LYS B 52 -22.35 -14.89 18.17
C LYS B 52 -23.61 -14.16 17.65
N LEU B 53 -24.36 -14.81 16.76
CA LEU B 53 -25.64 -14.27 16.29
C LEU B 53 -26.73 -14.16 17.39
N LEU B 54 -26.68 -15.03 18.39
CA LEU B 54 -27.60 -14.93 19.54
C LEU B 54 -27.21 -13.76 20.45
N LEU B 55 -25.91 -13.46 20.53
CA LEU B 55 -25.37 -12.46 21.47
C LEU B 55 -25.25 -11.03 20.90
N LYS B 56 -24.67 -10.90 19.71
CA LYS B 56 -24.42 -9.59 19.10
C LYS B 56 -25.71 -8.77 18.88
N PRO B 57 -25.74 -7.51 19.35
CA PRO B 57 -26.86 -6.58 19.15
C PRO B 57 -26.97 -6.06 17.71
N THR B 58 -28.17 -5.62 17.33
CA THR B 58 -28.43 -5.04 16.00
C THR B 58 -27.80 -3.65 15.86
N PRO B 59 -27.51 -3.22 14.60
CA PRO B 59 -27.08 -1.85 14.39
C PRO B 59 -28.01 -0.79 15.03
N ASN B 60 -29.32 -1.04 14.97
CA ASN B 60 -30.32 -0.13 15.48
C ASN B 60 -30.45 -0.09 17.01
N THR B 61 -29.89 -1.07 17.70
CA THR B 61 -29.80 -1.10 19.16
C THR B 61 -28.56 -0.33 19.61
N VAL B 62 -27.42 -0.64 19.02
CA VAL B 62 -26.19 0.11 19.27
C VAL B 62 -26.45 1.61 19.08
N HIS B 63 -27.15 1.96 18.01
CA HIS B 63 -27.45 3.35 17.68
C HIS B 63 -28.35 4.06 18.69
N TYR B 64 -29.31 3.34 19.26
CA TYR B 64 -30.21 3.92 20.27
C TYR B 64 -29.41 4.31 21.50
N ILE B 65 -28.59 3.38 21.99
CA ILE B 65 -27.81 3.58 23.20
C ILE B 65 -26.92 4.82 23.10
N LEU B 66 -26.32 5.02 21.93
CA LEU B 66 -25.44 6.14 21.66
C LEU B 66 -26.19 7.48 21.47
N THR B 67 -27.45 7.41 21.07
CA THR B 67 -28.25 8.64 20.82
C THR B 67 -29.21 8.98 21.96
N HIS B 68 -29.24 8.13 22.98
CA HIS B 68 -30.03 8.36 24.18
C HIS B 68 -29.13 8.28 25.40
N PHE B 69 -29.70 8.30 26.60
CA PHE B 69 -28.96 8.24 27.87
C PHE B 69 -27.93 9.37 28.02
N LYS B 70 -28.25 10.56 27.50
CA LYS B 70 -27.34 11.72 27.54
C LYS B 70 -26.63 11.88 28.88
N GLY B 71 -27.35 11.62 29.96
CA GLY B 71 -26.82 11.76 31.31
C GLY B 71 -25.72 10.79 31.69
N VAL B 72 -25.84 9.55 31.21
CA VAL B 72 -24.82 8.52 31.44
C VAL B 72 -23.57 8.81 30.59
N TRP B 73 -23.76 9.17 29.32
CA TRP B 73 -22.61 9.52 28.46
C TRP B 73 -21.81 10.68 29.02
N ASN B 74 -22.47 11.59 29.71
CA ASN B 74 -21.79 12.64 30.45
C ASN B 74 -20.79 12.14 31.48
N ILE B 75 -21.14 11.04 32.15
CA ILE B 75 -20.22 10.40 33.07
C ILE B 75 -19.09 9.76 32.25
N VAL B 76 -19.47 8.92 31.29
CA VAL B 76 -18.53 8.19 30.43
C VAL B 76 -17.50 9.13 29.78
N ASN B 77 -17.96 10.26 29.23
CA ASN B 77 -17.07 11.20 28.51
C ASN B 77 -16.02 11.87 29.40
N ASN B 78 -16.29 11.93 30.71
CA ASN B 78 -15.35 12.55 31.64
C ASN B 78 -14.37 11.58 32.32
N ILE B 79 -14.51 10.28 32.05
CA ILE B 79 -13.59 9.26 32.58
C ILE B 79 -12.73 8.71 31.44
N PRO B 80 -11.46 9.18 31.33
CA PRO B 80 -10.53 8.83 30.25
C PRO B 80 -10.41 7.33 29.96
N PHE B 81 -10.28 6.50 30.99
CA PHE B 81 -10.14 5.07 30.76
C PHE B 81 -11.35 4.52 30.00
N LEU B 82 -12.56 4.93 30.39
CA LEU B 82 -13.79 4.45 29.78
C LEU B 82 -14.08 5.03 28.38
N ARG B 83 -13.80 6.32 28.20
CA ARG B 83 -13.87 6.91 26.87
C ARG B 83 -12.94 6.17 25.89
N SER B 84 -11.69 5.94 26.28
CA SER B 84 -10.74 5.16 25.48
C SER B 84 -11.31 3.79 25.12
N LEU B 85 -11.93 3.13 26.10
CA LEU B 85 -12.46 1.77 25.93
C LEU B 85 -13.60 1.72 24.93
N ILE B 86 -14.53 2.66 25.07
CA ILE B 86 -15.68 2.78 24.15
C ILE B 86 -15.17 3.13 22.75
N MET B 87 -14.24 4.09 22.66
CA MET B 87 -13.74 4.51 21.35
C MET B 87 -13.05 3.35 20.65
N LYS B 88 -12.40 2.49 21.43
CA LYS B 88 -11.76 1.29 20.91
C LYS B 88 -12.80 0.38 20.24
N TYR B 89 -13.94 0.23 20.89
CA TYR B 89 -15.03 -0.61 20.41
C TYR B 89 -15.60 -0.07 19.10
N VAL B 90 -15.72 1.26 19.05
CA VAL B 90 -16.31 1.98 17.92
C VAL B 90 -15.45 1.73 16.69
N LEU B 91 -14.14 1.73 16.92
CA LEU B 91 -13.16 1.48 15.87
C LEU B 91 -13.18 0.04 15.37
N THR B 92 -13.17 -0.93 16.29
CA THR B 92 -12.89 -2.33 15.94
C THR B 92 -14.10 -3.09 15.45
N SER B 93 -15.29 -2.69 15.90
CA SER B 93 -16.53 -3.29 15.41
C SER B 93 -16.71 -3.17 13.90
N ARG B 94 -16.29 -2.03 13.35
CA ARG B 94 -16.46 -1.70 11.94
C ARG B 94 -15.34 -2.31 11.06
N SER B 95 -14.42 -3.05 11.67
CA SER B 95 -13.13 -3.34 11.02
C SER B 95 -13.22 -4.40 9.92
N TYR B 96 -13.78 -5.54 10.29
CA TYR B 96 -13.83 -6.68 9.40
C TYR B 96 -14.67 -6.46 8.15
N LEU B 97 -15.30 -5.31 8.03
CA LEU B 97 -16.23 -5.08 6.95
C LEU B 97 -15.57 -4.71 5.61
N ILE B 98 -14.41 -4.08 5.63
CA ILE B 98 -13.77 -3.59 4.40
C ILE B 98 -12.62 -4.49 4.02
N ASP B 99 -12.57 -4.95 2.76
CA ASP B 99 -11.44 -5.73 2.23
C ASP B 99 -10.17 -4.86 2.14
N SER B 100 -9.14 -5.27 2.85
CA SER B 100 -7.86 -4.56 2.87
C SER B 100 -6.71 -5.57 3.04
N PRO B 101 -5.90 -5.80 2.00
CA PRO B 101 -5.83 -5.29 0.63
C PRO B 101 -7.14 -5.39 -0.16
N PRO B 102 -7.45 -4.36 -0.97
CA PRO B 102 -8.69 -4.29 -1.76
C PRO B 102 -8.79 -5.46 -2.74
N THR B 103 -10.00 -5.69 -3.27
CA THR B 103 -10.26 -6.85 -4.13
C THR B 103 -10.81 -6.46 -5.51
N TYR B 104 -12.12 -6.30 -5.64
CA TYR B 104 -12.73 -6.14 -6.95
C TYR B 104 -12.70 -4.72 -7.45
N ASN B 105 -12.95 -4.55 -8.74
CA ASN B 105 -13.24 -3.23 -9.25
C ASN B 105 -14.23 -3.35 -10.43
N VAL B 106 -14.44 -2.25 -11.16
CA VAL B 106 -15.48 -2.24 -12.20
C VAL B 106 -15.24 -3.27 -13.31
N HIS B 107 -13.97 -3.60 -13.56
CA HIS B 107 -13.62 -4.54 -14.64
C HIS B 107 -13.38 -5.95 -14.14
N TYR B 108 -13.22 -6.10 -12.83
CA TYR B 108 -12.84 -7.38 -12.25
C TYR B 108 -13.82 -7.83 -11.15
N GLY B 109 -14.70 -8.75 -11.54
CA GLY B 109 -15.57 -9.45 -10.61
C GLY B 109 -14.93 -10.62 -9.88
N TYR B 110 -13.64 -10.84 -10.11
CA TYR B 110 -12.86 -11.89 -9.44
C TYR B 110 -11.51 -11.25 -9.11
N LYS B 111 -10.85 -11.72 -8.05
CA LYS B 111 -9.54 -11.15 -7.68
C LYS B 111 -8.51 -11.34 -8.77
N SER B 112 -7.74 -10.29 -9.01
CA SER B 112 -6.66 -10.34 -9.96
C SER B 112 -5.60 -9.35 -9.56
N TRP B 113 -4.40 -9.60 -10.04
CA TRP B 113 -3.28 -8.71 -9.78
C TRP B 113 -3.57 -7.33 -10.36
N GLU B 114 -4.29 -7.29 -11.49
CA GLU B 114 -4.59 -6.03 -12.14
C GLU B 114 -5.45 -5.16 -11.24
N ALA B 115 -6.53 -5.74 -10.71
CA ALA B 115 -7.38 -5.10 -9.73
C ALA B 115 -6.58 -4.69 -8.50
N PHE B 116 -5.75 -5.58 -7.95
CA PHE B 116 -4.93 -5.17 -6.81
C PHE B 116 -3.97 -3.99 -7.15
N SER B 117 -3.25 -4.10 -8.24
CA SER B 117 -2.10 -3.23 -8.44
C SER B 117 -2.39 -1.90 -9.12
N ASN B 118 -3.54 -1.76 -9.77
CA ASN B 118 -3.79 -0.57 -10.58
C ASN B 118 -4.59 0.52 -9.83
N LEU B 119 -3.88 1.55 -9.36
CA LEU B 119 -4.42 2.55 -8.46
C LEU B 119 -5.40 3.52 -9.12
N SER B 120 -5.45 3.49 -10.45
CA SER B 120 -6.37 4.33 -11.22
C SER B 120 -7.82 3.90 -11.07
N TYR B 121 -8.08 2.72 -10.50
CA TYR B 121 -9.44 2.26 -10.30
C TYR B 121 -9.88 2.62 -8.89
N TYR B 122 -11.15 2.99 -8.75
CA TYR B 122 -11.82 2.83 -7.46
C TYR B 122 -11.99 1.33 -7.18
N THR B 123 -11.91 0.93 -5.90
CA THR B 123 -12.12 -0.47 -5.58
C THR B 123 -13.62 -0.73 -5.46
N ARG B 124 -14.02 -1.97 -5.24
CA ARG B 124 -15.45 -2.26 -5.12
C ARG B 124 -15.75 -3.15 -3.92
N ALA B 125 -16.76 -2.77 -3.14
CA ALA B 125 -17.16 -3.51 -1.96
C ALA B 125 -17.95 -4.76 -2.37
N LEU B 126 -18.67 -4.67 -3.49
CA LEU B 126 -19.29 -5.82 -4.14
C LEU B 126 -18.89 -5.86 -5.61
N PRO B 127 -18.64 -7.05 -6.14
CA PRO B 127 -18.31 -7.15 -7.57
C PRO B 127 -19.46 -6.65 -8.44
N PRO B 128 -19.17 -6.18 -9.66
CA PRO B 128 -20.23 -5.80 -10.59
C PRO B 128 -21.08 -6.99 -11.01
N VAL B 129 -22.34 -6.72 -11.36
CA VAL B 129 -23.21 -7.69 -11.97
C VAL B 129 -22.59 -8.07 -13.34
N ALA B 130 -22.51 -9.37 -13.65
CA ALA B 130 -21.91 -9.82 -14.92
C ALA B 130 -22.62 -9.25 -16.16
N ASP B 131 -21.83 -9.01 -17.21
CA ASP B 131 -22.32 -8.40 -18.47
C ASP B 131 -23.47 -9.19 -19.12
N ASP B 132 -23.49 -10.51 -18.96
CA ASP B 132 -24.49 -11.32 -19.66
C ASP B 132 -25.76 -11.67 -18.88
N CYS B 133 -25.89 -11.17 -17.65
CA CYS B 133 -27.04 -11.45 -16.80
C CYS B 133 -28.36 -11.05 -17.46
N PRO B 134 -29.40 -11.89 -17.30
CA PRO B 134 -30.72 -11.69 -17.94
C PRO B 134 -31.49 -10.47 -17.44
N THR B 135 -31.18 -9.97 -16.25
CA THR B 135 -31.72 -8.68 -15.79
C THR B 135 -30.62 -7.74 -15.30
N PRO B 136 -30.89 -6.42 -15.30
CA PRO B 136 -29.88 -5.47 -14.82
C PRO B 136 -29.33 -5.79 -13.43
N MET B 137 -30.17 -6.31 -12.53
CA MET B 137 -29.72 -6.62 -11.17
C MET B 137 -29.26 -8.05 -10.96
N GLY B 138 -29.48 -8.90 -11.97
CA GLY B 138 -29.12 -10.31 -11.89
C GLY B 138 -30.11 -11.20 -12.61
N VAL B 139 -31.07 -11.74 -11.85
CA VAL B 139 -32.17 -12.53 -12.43
C VAL B 139 -33.55 -11.93 -12.08
N LYS B 140 -33.61 -11.13 -11.02
CA LYS B 140 -34.89 -10.57 -10.55
C LYS B 140 -35.25 -9.26 -11.28
N GLY B 141 -36.52 -8.88 -11.21
CA GLY B 141 -37.01 -7.67 -11.83
C GLY B 141 -37.31 -7.75 -13.32
N ASN B 142 -37.62 -6.60 -13.90
CA ASN B 142 -37.88 -6.47 -15.32
C ASN B 142 -36.59 -6.38 -16.15
N LYS B 143 -36.71 -6.57 -17.46
CA LYS B 143 -35.58 -6.53 -18.40
C LYS B 143 -34.83 -5.18 -18.36
N GLU B 144 -35.57 -4.10 -18.14
CA GLU B 144 -34.97 -2.76 -17.99
C GLU B 144 -35.30 -2.21 -16.61
N LEU B 145 -34.39 -1.42 -16.06
CA LEU B 145 -34.68 -0.67 -14.86
C LEU B 145 -35.55 0.51 -15.27
N PRO B 146 -36.34 1.08 -14.31
CA PRO B 146 -37.14 2.27 -14.59
C PRO B 146 -36.27 3.41 -15.12
N ASP B 147 -36.79 4.19 -16.07
CA ASP B 147 -36.11 5.41 -16.53
C ASP B 147 -35.63 6.24 -15.33
N SER B 148 -34.36 6.60 -15.33
CA SER B 148 -33.80 7.36 -14.22
C SER B 148 -34.50 8.71 -14.08
N LYS B 149 -34.88 9.31 -15.20
CA LYS B 149 -35.64 10.57 -15.19
C LYS B 149 -36.94 10.46 -14.36
N GLU B 150 -37.66 9.37 -14.53
CA GLU B 150 -38.91 9.11 -13.82
C GLU B 150 -38.63 8.86 -12.33
N VAL B 151 -37.49 8.25 -12.03
CA VAL B 151 -37.13 7.95 -10.64
C VAL B 151 -36.77 9.23 -9.91
N LEU B 152 -36.00 10.08 -10.59
CA LEU B 152 -35.55 11.34 -10.05
C LEU B 152 -36.74 12.27 -9.80
N GLU B 153 -37.64 12.36 -10.78
CA GLU B 153 -38.75 13.28 -10.70
C GLU B 153 -39.77 12.85 -9.66
N LYS B 154 -40.08 11.55 -9.60
CA LYS B 154 -41.10 11.06 -8.68
C LYS B 154 -40.70 11.15 -7.21
N VAL B 155 -39.42 10.88 -6.88
CA VAL B 155 -39.06 10.72 -5.47
C VAL B 155 -37.80 11.42 -4.98
N LEU B 156 -37.08 12.12 -5.84
CA LEU B 156 -35.82 12.71 -5.43
C LEU B 156 -35.81 14.25 -5.45
N LEU B 157 -36.44 14.83 -6.45
CA LEU B 157 -36.41 16.27 -6.66
C LEU B 157 -37.19 17.05 -5.60
N ARG B 158 -36.63 18.19 -5.20
CA ARG B 158 -37.15 19.01 -4.10
C ARG B 158 -38.41 19.75 -4.51
N ARG B 159 -39.45 19.62 -3.70
CA ARG B 159 -40.64 20.43 -3.82
C ARG B 159 -40.39 21.59 -2.87
N GLU B 160 -40.85 21.49 -1.63
CA GLU B 160 -40.46 22.43 -0.59
C GLU B 160 -39.11 22.01 0.00
N PHE B 161 -38.26 22.99 0.34
CA PHE B 161 -36.97 22.73 1.01
C PHE B 161 -37.17 21.99 2.34
N ILE B 162 -36.36 20.98 2.63
CA ILE B 162 -36.47 20.27 3.89
C ILE B 162 -35.18 20.50 4.65
N PRO B 163 -35.25 21.25 5.75
CA PRO B 163 -34.04 21.54 6.50
C PRO B 163 -33.62 20.31 7.28
N ASP B 164 -32.32 20.19 7.51
CA ASP B 164 -31.79 19.07 8.28
C ASP B 164 -32.21 19.29 9.71
N PRO B 165 -32.94 18.32 10.29
CA PRO B 165 -33.42 18.44 11.67
C PRO B 165 -32.27 18.35 12.67
N GLN B 166 -31.16 17.74 12.25
CA GLN B 166 -29.96 17.65 13.08
C GLN B 166 -29.27 19.01 13.15
N GLY B 167 -29.67 19.95 12.28
CA GLY B 167 -29.12 21.30 12.29
C GLY B 167 -27.82 21.56 11.54
N SER B 168 -27.44 20.68 10.61
CA SER B 168 -26.24 20.91 9.77
C SER B 168 -26.30 22.25 9.05
N ASN B 169 -25.19 22.98 9.03
CA ASN B 169 -25.14 24.30 8.41
C ASN B 169 -24.33 24.30 7.10
N MET B 170 -24.12 25.47 6.51
CA MET B 170 -23.38 25.54 5.27
C MET B 170 -21.86 25.35 5.48
N MET B 171 -21.37 25.59 6.70
CA MET B 171 -19.98 25.27 7.02
C MET B 171 -19.75 23.77 6.93
N PHE B 172 -20.78 22.99 7.30
CA PHE B 172 -20.70 21.55 7.24
C PHE B 172 -20.74 21.09 5.80
N ALA B 173 -21.71 21.57 5.02
CA ALA B 173 -21.88 21.11 3.62
C ALA B 173 -20.63 21.38 2.76
N PHE B 174 -20.07 22.59 2.88
CA PHE B 174 -18.86 22.96 2.16
C PHE B 174 -17.59 22.26 2.68
N PHE B 175 -17.50 22.05 3.99
CA PHE B 175 -16.43 21.22 4.52
C PHE B 175 -16.54 19.79 3.94
N ALA B 176 -17.73 19.23 3.93
CA ALA B 176 -17.91 17.89 3.38
C ALA B 176 -17.43 17.87 1.94
N GLN B 177 -17.78 18.91 1.19
CA GLN B 177 -17.44 18.95 -0.24
C GLN B 177 -15.93 19.08 -0.43
N HIS B 178 -15.33 20.00 0.32
CA HIS B 178 -13.88 20.24 0.27
C HIS B 178 -13.08 19.01 0.69
N PHE B 179 -13.38 18.50 1.88
CA PHE B 179 -12.71 17.32 2.39
C PHE B 179 -12.77 16.15 1.42
N THR B 180 -13.96 15.79 0.97
CA THR B 180 -14.09 14.54 0.20
C THR B 180 -13.51 14.64 -1.19
N HIS B 181 -13.28 15.85 -1.68
CA HIS B 181 -12.80 16.03 -3.05
C HIS B 181 -11.28 15.89 -3.19
N GLN B 182 -10.59 15.57 -2.10
CA GLN B 182 -9.24 15.05 -2.22
C GLN B 182 -9.22 13.60 -2.66
N PHE B 183 -10.24 12.81 -2.31
CA PHE B 183 -10.20 11.40 -2.65
C PHE B 183 -11.27 10.91 -3.61
N PHE B 184 -12.25 11.77 -3.90
CA PHE B 184 -13.22 11.49 -4.97
C PHE B 184 -12.85 12.41 -6.15
N LYS B 185 -12.14 11.87 -7.14
CA LYS B 185 -11.63 12.67 -8.26
C LYS B 185 -11.77 11.82 -9.51
N THR B 186 -13.00 11.60 -9.91
CA THR B 186 -13.30 10.67 -10.99
C THR B 186 -12.60 11.12 -12.26
N ASP B 187 -11.94 10.17 -12.92
CA ASP B 187 -11.23 10.43 -14.15
C ASP B 187 -12.19 10.21 -15.30
N HIS B 188 -12.91 11.26 -15.70
CA HIS B 188 -13.96 11.14 -16.72
C HIS B 188 -13.43 10.74 -18.10
N LYS B 189 -12.20 11.12 -18.43
CA LYS B 189 -11.52 10.56 -19.60
C LYS B 189 -11.69 9.04 -19.62
N ARG B 190 -11.47 8.37 -18.50
CA ARG B 190 -11.43 6.91 -18.46
C ARG B 190 -12.79 6.27 -18.21
N GLY B 191 -13.58 6.85 -17.32
CA GLY B 191 -14.88 6.33 -16.97
C GLY B 191 -15.17 6.50 -15.50
N PRO B 192 -16.44 6.33 -15.10
CA PRO B 192 -16.85 6.56 -13.71
C PRO B 192 -16.22 5.61 -12.65
N GLY B 193 -15.74 4.46 -13.07
CA GLY B 193 -15.02 3.56 -12.15
C GLY B 193 -13.55 3.85 -11.92
N PHE B 194 -13.07 4.99 -12.43
CA PHE B 194 -11.67 5.40 -12.41
C PHE B 194 -11.43 6.69 -11.63
N THR B 195 -10.31 6.75 -10.92
CA THR B 195 -9.97 7.93 -10.11
C THR B 195 -8.63 8.53 -10.49
N ARG B 196 -8.50 9.84 -10.28
CA ARG B 196 -7.22 10.53 -10.37
C ARG B 196 -6.59 10.70 -8.99
N GLY B 197 -7.30 10.35 -7.92
CA GLY B 197 -6.75 10.39 -6.57
C GLY B 197 -5.94 9.15 -6.23
N LEU B 198 -4.72 9.06 -6.74
CA LEU B 198 -3.94 7.81 -6.59
C LEU B 198 -3.41 7.55 -5.19
N GLY B 199 -3.46 8.56 -4.30
CA GLY B 199 -3.01 8.38 -2.95
C GLY B 199 -4.09 7.71 -2.13
N HIS B 200 -5.30 7.68 -2.69
CA HIS B 200 -6.44 6.98 -2.11
C HIS B 200 -6.78 7.30 -0.64
N GLY B 201 -6.71 8.57 -0.27
CA GLY B 201 -7.18 8.96 1.04
C GLY B 201 -6.71 10.34 1.42
N VAL B 202 -6.49 10.54 2.71
CA VAL B 202 -6.27 11.90 3.19
C VAL B 202 -4.80 12.27 3.05
N ASP B 203 -4.42 12.77 1.88
CA ASP B 203 -3.03 13.17 1.65
C ASP B 203 -2.96 14.67 1.40
N LEU B 204 -4.11 15.33 1.54
CA LEU B 204 -4.30 16.76 1.26
C LEU B 204 -3.83 17.21 -0.13
N ASN B 205 -3.99 16.35 -1.13
CA ASN B 205 -3.63 16.74 -2.50
C ASN B 205 -4.47 17.93 -3.02
N HIS B 206 -5.64 18.14 -2.40
CA HIS B 206 -6.50 19.23 -2.77
C HIS B 206 -5.95 20.60 -2.32
N ILE B 207 -4.91 20.56 -1.49
CA ILE B 207 -4.14 21.74 -1.08
C ILE B 207 -2.80 21.81 -1.79
N TYR B 208 -2.11 20.66 -1.87
CA TYR B 208 -0.73 20.60 -2.31
C TYR B 208 -0.53 20.15 -3.74
N GLY B 209 -1.60 19.67 -4.36
CA GLY B 209 -1.48 19.07 -5.69
C GLY B 209 -1.22 17.58 -5.63
N GLU B 210 -1.78 16.90 -6.63
CA GLU B 210 -1.67 15.47 -6.83
C GLU B 210 -0.27 15.08 -7.29
N THR B 211 0.36 15.91 -8.13
CA THR B 211 1.71 15.61 -8.64
C THR B 211 2.76 16.57 -8.08
N LEU B 212 4.02 16.14 -8.12
CA LEU B 212 5.11 16.89 -7.56
C LEU B 212 5.33 18.18 -8.38
N ASP B 213 5.04 18.09 -9.66
CA ASP B 213 5.14 19.19 -10.60
C ASP B 213 4.14 20.26 -10.20
N ARG B 214 2.92 19.84 -9.90
CA ARG B 214 1.91 20.78 -9.41
C ARG B 214 2.26 21.37 -8.05
N GLN B 215 2.72 20.54 -7.11
CA GLN B 215 3.14 21.01 -5.79
C GLN B 215 4.23 22.09 -5.85
N HIS B 216 5.23 21.84 -6.69
CA HIS B 216 6.31 22.77 -6.88
C HIS B 216 5.86 24.10 -7.48
N LYS B 217 4.84 24.11 -8.31
CA LYS B 217 4.37 25.40 -8.87
C LYS B 217 3.57 26.22 -7.84
N LEU B 218 3.03 25.52 -6.83
CA LEU B 218 2.25 26.16 -5.76
C LEU B 218 3.12 26.63 -4.60
N ARG B 219 4.35 26.13 -4.54
CA ARG B 219 5.21 26.37 -3.39
C ARG B 219 6.03 27.62 -3.58
N LEU B 220 6.30 28.31 -2.48
CA LEU B 220 7.07 29.53 -2.44
C LEU B 220 8.58 29.24 -2.40
N PHE B 221 8.95 28.09 -1.84
CA PHE B 221 10.39 27.68 -1.68
C PHE B 221 11.16 28.55 -0.70
N LYS B 222 10.40 29.29 0.09
CA LYS B 222 10.96 30.01 1.20
C LYS B 222 10.14 29.62 2.41
N ASP B 223 10.83 29.25 3.49
CA ASP B 223 10.21 29.02 4.78
C ASP B 223 9.15 27.91 4.79
N GLY B 224 9.17 27.04 3.78
CA GLY B 224 8.25 25.91 3.70
C GLY B 224 6.89 26.28 3.17
N LYS B 225 6.72 27.54 2.78
CA LYS B 225 5.38 28.07 2.53
C LYS B 225 4.81 27.77 1.12
N LEU B 226 3.49 27.96 1.00
CA LEU B 226 2.79 27.99 -0.25
C LEU B 226 2.70 29.42 -0.75
N LYS B 227 2.75 29.59 -2.07
CA LYS B 227 2.52 30.91 -2.67
C LYS B 227 1.13 31.42 -2.30
N TYR B 228 1.01 32.75 -2.28
CA TYR B 228 -0.24 33.39 -1.96
C TYR B 228 -0.22 34.82 -2.55
N GLN B 229 -1.36 35.50 -2.50
CA GLN B 229 -1.37 36.95 -2.80
C GLN B 229 -2.06 37.68 -1.67
N VAL B 230 -1.82 38.99 -1.60
CA VAL B 230 -2.46 39.86 -0.62
C VAL B 230 -3.38 40.84 -1.35
N ILE B 231 -4.68 40.68 -1.10
CA ILE B 231 -5.68 41.57 -1.65
C ILE B 231 -6.37 42.30 -0.51
N GLY B 232 -6.17 43.62 -0.45
CA GLY B 232 -6.77 44.43 0.62
C GLY B 232 -6.38 43.96 2.01
N GLY B 233 -5.13 43.55 2.16
CA GLY B 233 -4.57 43.14 3.44
C GLY B 233 -4.83 41.67 3.81
N GLU B 234 -5.58 40.97 2.95
CA GLU B 234 -6.01 39.59 3.22
C GLU B 234 -5.26 38.59 2.35
N VAL B 235 -4.86 37.47 2.93
CA VAL B 235 -4.13 36.44 2.24
C VAL B 235 -5.08 35.50 1.47
N TYR B 236 -4.85 35.38 0.17
CA TYR B 236 -5.64 34.53 -0.70
C TYR B 236 -4.67 33.70 -1.53
N PRO B 237 -5.17 32.62 -2.18
CA PRO B 237 -4.34 31.82 -3.07
C PRO B 237 -3.82 32.66 -4.22
N PRO B 238 -2.71 32.22 -4.84
CA PRO B 238 -2.15 32.92 -6.00
C PRO B 238 -3.02 32.64 -7.24
N THR B 239 -2.72 33.31 -8.36
CA THR B 239 -3.50 33.15 -9.56
C THR B 239 -2.93 32.07 -10.47
N VAL B 240 -3.71 31.65 -11.46
CA VAL B 240 -3.27 30.77 -12.53
C VAL B 240 -2.10 31.38 -13.33
N LYS B 241 -2.19 32.66 -13.68
CA LYS B 241 -1.10 33.31 -14.46
C LYS B 241 0.26 33.37 -13.73
N ASP B 242 0.23 33.38 -12.40
CA ASP B 242 1.44 33.44 -11.57
C ASP B 242 2.08 32.07 -11.33
N THR B 243 1.25 31.08 -11.02
CA THR B 243 1.75 29.75 -10.74
C THR B 243 1.87 28.90 -12.00
N GLN B 244 1.11 29.23 -13.04
CA GLN B 244 0.97 28.38 -14.25
C GLN B 244 0.35 27.02 -13.92
N VAL B 245 -0.38 26.97 -12.82
CA VAL B 245 -1.12 25.80 -12.41
C VAL B 245 -2.45 25.74 -13.15
N GLU B 246 -2.73 24.61 -13.79
CA GLU B 246 -4.00 24.46 -14.53
C GLU B 246 -5.21 24.30 -13.59
N MET B 247 -6.26 25.05 -13.89
CA MET B 247 -7.49 25.08 -13.10
C MET B 247 -8.68 25.01 -14.04
N ILE B 248 -9.82 24.51 -13.55
CA ILE B 248 -11.05 24.56 -14.34
C ILE B 248 -11.88 25.84 -14.12
N TYR B 249 -11.92 26.69 -15.14
CA TYR B 249 -12.75 27.90 -15.15
C TYR B 249 -13.48 28.06 -16.49
N PRO B 250 -14.70 28.64 -16.44
CA PRO B 250 -15.31 29.10 -17.69
C PRO B 250 -14.45 30.19 -18.35
N PRO B 251 -14.49 30.28 -19.69
CA PRO B 251 -13.68 31.25 -20.46
C PRO B 251 -13.78 32.70 -19.96
N HIS B 252 -14.99 33.12 -19.58
CA HIS B 252 -15.26 34.51 -19.17
C HIS B 252 -14.70 34.89 -17.79
N ILE B 253 -14.09 33.95 -17.08
CA ILE B 253 -13.51 34.28 -15.76
C ILE B 253 -12.19 35.03 -15.92
N PRO B 254 -12.12 36.30 -15.44
CA PRO B 254 -10.94 37.15 -15.60
C PRO B 254 -9.70 36.67 -14.83
N GLU B 255 -8.54 36.90 -15.45
CA GLU B 255 -7.22 36.53 -14.94
C GLU B 255 -7.07 36.66 -13.41
N ASN B 256 -7.42 37.81 -12.84
CA ASN B 256 -7.31 38.05 -11.40
C ASN B 256 -8.17 37.17 -10.50
N LEU B 257 -9.23 36.58 -11.05
CA LEU B 257 -10.16 35.78 -10.27
C LEU B 257 -10.00 34.29 -10.51
N GLN B 258 -8.96 33.91 -11.23
CA GLN B 258 -8.67 32.51 -11.48
C GLN B 258 -7.66 32.08 -10.45
N PHE B 259 -8.14 31.79 -9.24
CA PHE B 259 -7.27 31.34 -8.14
C PHE B 259 -6.76 29.93 -8.41
N ALA B 260 -5.54 29.68 -7.97
CA ALA B 260 -4.88 28.41 -8.19
C ALA B 260 -4.67 27.71 -6.86
N VAL B 261 -5.23 26.50 -6.74
CA VAL B 261 -5.13 25.71 -5.51
C VAL B 261 -4.89 24.23 -5.86
N GLY B 262 -4.64 23.39 -4.86
CA GLY B 262 -4.30 21.99 -5.11
C GLY B 262 -5.23 21.26 -6.07
N GLN B 263 -6.52 21.49 -5.90
CA GLN B 263 -7.53 20.72 -6.59
C GLN B 263 -8.21 21.57 -7.68
N GLU B 264 -8.02 21.09 -8.91
CA GLU B 264 -8.39 21.78 -10.14
CA GLU B 264 -8.38 21.83 -10.11
C GLU B 264 -9.84 22.35 -10.19
N VAL B 265 -10.75 21.74 -9.42
CA VAL B 265 -12.17 22.16 -9.50
C VAL B 265 -12.61 23.20 -8.46
N PHE B 266 -11.73 23.59 -7.56
CA PHE B 266 -12.19 24.39 -6.41
C PHE B 266 -12.62 25.84 -6.71
N GLY B 267 -12.35 26.33 -7.92
CA GLY B 267 -12.95 27.57 -8.39
C GLY B 267 -14.44 27.46 -8.73
N LEU B 268 -14.99 26.25 -8.79
CA LEU B 268 -16.42 26.04 -9.10
C LEU B 268 -17.30 26.84 -8.16
N VAL B 269 -17.02 26.71 -6.86
CA VAL B 269 -17.87 27.22 -5.81
C VAL B 269 -17.05 28.07 -4.84
N PRO B 270 -17.57 29.27 -4.49
CA PRO B 270 -16.91 30.12 -3.50
C PRO B 270 -16.84 29.42 -2.12
N GLY B 271 -17.82 28.59 -1.80
CA GLY B 271 -17.74 27.74 -0.61
C GLY B 271 -16.46 26.93 -0.53
N LEU B 272 -16.01 26.40 -1.67
CA LEU B 272 -14.76 25.60 -1.70
C LEU B 272 -13.52 26.49 -1.59
N MET B 273 -13.56 27.62 -2.28
CA MET B 273 -12.48 28.57 -2.24
C MET B 273 -12.28 29.13 -0.83
N MET B 274 -13.36 29.23 -0.06
CA MET B 274 -13.28 29.66 1.31
C MET B 274 -12.35 28.69 2.05
N TYR B 275 -12.69 27.41 2.03
CA TYR B 275 -11.88 26.41 2.71
C TYR B 275 -10.49 26.28 2.15
N ALA B 276 -10.33 26.49 0.83
CA ALA B 276 -9.02 26.42 0.21
C ALA B 276 -8.12 27.52 0.79
N THR B 277 -8.70 28.72 0.98
CA THR B 277 -7.99 29.85 1.54
C THR B 277 -7.65 29.63 3.02
N ILE B 278 -8.61 29.13 3.78
CA ILE B 278 -8.41 28.84 5.20
C ILE B 278 -7.24 27.87 5.38
N TRP B 279 -7.25 26.77 4.62
CA TRP B 279 -6.19 25.79 4.77
C TRP B 279 -4.81 26.28 4.26
N LEU B 280 -4.78 27.07 3.21
CA LEU B 280 -3.53 27.63 2.77
C LEU B 280 -2.95 28.52 3.88
N ARG B 281 -3.77 29.39 4.44
CA ARG B 281 -3.37 30.17 5.62
C ARG B 281 -2.83 29.30 6.74
N GLU B 282 -3.51 28.20 7.02
CA GLU B 282 -3.12 27.29 8.09
C GLU B 282 -1.72 26.72 7.82
N HIS B 283 -1.48 26.26 6.61
CA HIS B 283 -0.20 25.68 6.29
C HIS B 283 0.91 26.69 6.55
N ASN B 284 0.75 27.90 6.03
CA ASN B 284 1.73 28.96 6.27
C ASN B 284 1.81 29.35 7.73
N ARG B 285 0.70 29.27 8.46
CA ARG B 285 0.74 29.53 9.89
C ARG B 285 1.64 28.50 10.60
N VAL B 286 1.50 27.22 10.21
CA VAL B 286 2.25 26.13 10.86
C VAL B 286 3.75 26.21 10.52
N CYS B 287 4.04 26.58 9.28
CA CYS B 287 5.42 26.93 8.89
C CYS B 287 6.04 27.98 9.82
N ASP B 288 5.27 29.00 10.18
CA ASP B 288 5.79 30.05 11.07
C ASP B 288 6.15 29.52 12.44
N ILE B 289 5.31 28.59 12.94
CA ILE B 289 5.51 27.98 14.25
C ILE B 289 6.74 27.09 14.18
N LEU B 290 6.81 26.25 13.15
CA LEU B 290 7.96 25.33 12.98
C LEU B 290 9.29 26.05 12.86
N LYS B 291 9.29 27.15 12.11
CA LYS B 291 10.47 27.99 11.96
C LYS B 291 10.96 28.53 13.31
N GLN B 292 10.04 28.87 14.19
CA GLN B 292 10.38 29.33 15.55
C GLN B 292 11.02 28.21 16.39
N GLU B 293 10.47 27.00 16.29
CA GLU B 293 11.03 25.84 16.97
C GLU B 293 12.33 25.34 16.34
N HIS B 294 12.50 25.57 15.05
CA HIS B 294 13.62 24.99 14.33
C HIS B 294 14.23 26.02 13.38
N PRO B 295 14.95 27.01 13.96
CA PRO B 295 15.56 28.03 13.11
C PRO B 295 16.61 27.45 12.19
N GLU B 296 16.96 26.18 12.39
CA GLU B 296 18.00 25.51 11.64
C GLU B 296 17.47 24.76 10.41
N TRP B 297 16.16 24.58 10.33
CA TRP B 297 15.54 23.79 9.23
C TRP B 297 15.55 24.57 7.92
N GLY B 298 15.61 23.83 6.81
CA GLY B 298 15.49 24.42 5.47
C GLY B 298 14.05 24.39 4.98
N ASP B 299 13.81 25.02 3.84
CA ASP B 299 12.47 25.07 3.26
C ASP B 299 11.81 23.71 3.12
N GLU B 300 12.54 22.72 2.62
CA GLU B 300 11.95 21.41 2.30
C GLU B 300 11.43 20.72 3.57
N GLN B 301 12.20 20.74 4.65
CA GLN B 301 11.73 20.08 5.87
C GLN B 301 10.55 20.82 6.51
N LEU B 302 10.60 22.15 6.51
CA LEU B 302 9.48 22.94 6.98
C LEU B 302 8.21 22.60 6.17
N PHE B 303 8.35 22.46 4.86
CA PHE B 303 7.20 22.17 4.04
C PHE B 303 6.63 20.81 4.36
N GLN B 304 7.49 19.80 4.36
CA GLN B 304 7.03 18.42 4.50
C GLN B 304 6.39 18.21 5.88
N THR B 305 6.95 18.88 6.90
CA THR B 305 6.55 18.66 8.28
C THR B 305 5.19 19.37 8.49
N SER B 306 5.07 20.59 7.99
CA SER B 306 3.80 21.29 7.95
C SER B 306 2.70 20.43 7.31
N ARG B 307 3.01 19.79 6.17
CA ARG B 307 2.06 18.92 5.49
C ARG B 307 1.59 17.80 6.42
N LEU B 308 2.51 17.19 7.13
CA LEU B 308 2.16 16.07 8.00
C LEU B 308 1.26 16.55 9.15
N ILE B 309 1.57 17.72 9.70
CA ILE B 309 0.77 18.32 10.77
C ILE B 309 -0.65 18.60 10.26
N LEU B 310 -0.77 19.13 9.04
CA LEU B 310 -2.08 19.41 8.48
C LEU B 310 -2.87 18.13 8.20
N ILE B 311 -2.20 17.04 7.82
CA ILE B 311 -2.89 15.75 7.67
C ILE B 311 -3.50 15.32 9.02
N GLY B 312 -2.72 15.41 10.10
CA GLY B 312 -3.21 15.12 11.45
C GLY B 312 -4.36 16.03 11.90
N GLU B 313 -4.23 17.34 11.68
CA GLU B 313 -5.33 18.26 11.97
C GLU B 313 -6.59 17.82 11.27
N THR B 314 -6.47 17.53 9.98
CA THR B 314 -7.62 17.12 9.19
C THR B 314 -8.29 15.86 9.78
N ILE B 315 -7.51 14.81 10.07
CA ILE B 315 -8.09 13.61 10.64
C ILE B 315 -8.78 13.93 11.99
N LYS B 316 -8.10 14.79 12.77
CA LYS B 316 -8.60 15.14 14.09
C LYS B 316 -9.97 15.83 13.97
N ILE B 317 -10.03 16.81 13.07
CA ILE B 317 -11.24 17.56 12.84
C ILE B 317 -12.36 16.64 12.30
N VAL B 318 -12.03 15.81 11.32
CA VAL B 318 -13.04 14.93 10.74
C VAL B 318 -13.66 14.01 11.78
N ILE B 319 -12.86 13.45 12.66
CA ILE B 319 -13.42 12.59 13.70
C ILE B 319 -14.17 13.40 14.76
N GLU B 320 -13.54 14.43 15.29
CA GLU B 320 -14.04 14.97 16.56
C GLU B 320 -15.09 16.07 16.42
N ASP B 321 -15.13 16.72 15.26
CA ASP B 321 -16.19 17.70 14.98
C ASP B 321 -17.17 17.16 13.94
N TYR B 322 -16.62 16.75 12.79
CA TYR B 322 -17.40 16.31 11.64
C TYR B 322 -18.13 14.98 11.84
N VAL B 323 -17.39 13.89 12.00
CA VAL B 323 -18.09 12.64 12.30
C VAL B 323 -18.94 12.76 13.58
N GLN B 324 -18.46 13.52 14.57
CA GLN B 324 -19.17 13.70 15.83
C GLN B 324 -20.55 14.29 15.58
N HIS B 325 -20.57 15.34 14.75
CA HIS B 325 -21.80 16.02 14.41
C HIS B 325 -22.78 15.10 13.65
N LEU B 326 -22.31 14.46 12.58
CA LEU B 326 -23.12 13.48 11.82
C LEU B 326 -23.71 12.40 12.72
N SER B 327 -22.87 11.77 13.52
CA SER B 327 -23.28 10.64 14.33
C SER B 327 -24.48 10.95 15.22
N GLY B 328 -24.52 12.17 15.76
CA GLY B 328 -25.54 12.54 16.74
C GLY B 328 -25.38 11.82 18.07
N TYR B 329 -24.23 11.18 18.24
CA TYR B 329 -23.88 10.43 19.44
C TYR B 329 -23.67 11.37 20.63
N HIS B 330 -24.11 10.93 21.82
CA HIS B 330 -23.80 11.65 23.06
C HIS B 330 -22.38 11.34 23.54
N PHE B 331 -21.85 10.19 23.11
CA PHE B 331 -20.47 9.82 23.41
C PHE B 331 -19.48 10.70 22.61
N LYS B 332 -18.39 11.11 23.26
CA LYS B 332 -17.42 12.00 22.66
C LYS B 332 -16.35 11.19 21.94
N LEU B 333 -16.38 11.22 20.62
CA LEU B 333 -15.40 10.46 19.82
C LEU B 333 -14.00 11.00 20.03
N LYS B 334 -13.02 10.14 19.82
CA LYS B 334 -11.62 10.46 20.12
C LYS B 334 -10.69 10.11 18.95
N PHE B 335 -9.83 11.03 18.54
CA PHE B 335 -8.74 10.69 17.63
C PHE B 335 -7.51 10.26 18.44
N ASP B 336 -7.31 8.95 18.49
CA ASP B 336 -6.18 8.38 19.21
C ASP B 336 -5.68 7.14 18.46
N PRO B 337 -4.71 7.32 17.55
CA PRO B 337 -4.10 6.18 16.87
C PRO B 337 -3.67 5.04 17.79
N GLU B 338 -3.15 5.36 18.99
CA GLU B 338 -2.69 4.36 19.98
C GLU B 338 -3.71 3.30 20.35
N LEU B 339 -5.00 3.62 20.27
CA LEU B 339 -6.07 2.64 20.53
C LEU B 339 -5.98 1.42 19.61
N LEU B 340 -5.34 1.58 18.45
CA LEU B 340 -5.23 0.49 17.48
C LEU B 340 -3.93 -0.29 17.55
N PHE B 341 -3.06 0.04 18.49
CA PHE B 341 -1.71 -0.50 18.48
C PHE B 341 -1.56 -1.96 18.93
N ASN B 342 -2.50 -2.47 19.69
CA ASN B 342 -2.49 -3.92 19.97
C ASN B 342 -3.65 -4.66 19.27
N GLN B 343 -4.13 -4.08 18.18
CA GLN B 343 -5.20 -4.70 17.38
C GLN B 343 -4.64 -5.10 16.04
N GLN B 344 -5.35 -5.98 15.35
CA GLN B 344 -5.02 -6.26 13.95
C GLN B 344 -5.69 -5.19 13.12
N PHE B 345 -4.87 -4.46 12.37
CA PHE B 345 -5.40 -3.39 11.53
C PHE B 345 -4.40 -3.07 10.45
N GLN B 346 -4.92 -2.81 9.24
CA GLN B 346 -4.09 -2.56 8.06
C GLN B 346 -3.94 -1.06 7.77
N TYR B 347 -2.73 -0.53 7.92
CA TYR B 347 -2.50 0.89 7.58
C TYR B 347 -2.40 1.09 6.07
N GLN B 348 -3.53 1.05 5.41
CA GLN B 348 -3.58 1.26 3.96
C GLN B 348 -5.02 1.45 3.58
N ASN B 349 -5.26 2.14 2.47
CA ASN B 349 -6.61 2.37 2.04
C ASN B 349 -6.74 2.32 0.53
N ARG B 350 -7.93 1.94 0.06
CA ARG B 350 -8.28 2.06 -1.35
C ARG B 350 -9.72 2.62 -1.42
N ILE B 351 -9.94 3.72 -2.14
CA ILE B 351 -11.26 4.35 -2.15
C ILE B 351 -12.23 3.49 -2.93
N ALA B 352 -13.34 3.13 -2.29
CA ALA B 352 -14.40 2.33 -2.91
C ALA B 352 -15.34 3.21 -3.69
N SER B 353 -15.72 2.72 -4.86
CA SER B 353 -16.65 3.40 -5.72
C SER B 353 -17.98 3.69 -5.03
N GLU B 354 -18.45 2.72 -4.25
CA GLU B 354 -19.68 2.86 -3.49
C GLU B 354 -19.59 3.94 -2.42
N PHE B 355 -18.37 4.18 -1.90
CA PHE B 355 -18.14 5.28 -0.95
C PHE B 355 -18.35 6.61 -1.65
N ASN B 356 -17.85 6.74 -2.87
CA ASN B 356 -18.15 7.90 -3.68
C ASN B 356 -19.66 8.05 -3.92
N THR B 357 -20.31 6.99 -4.39
CA THR B 357 -21.73 7.04 -4.70
C THR B 357 -22.56 7.48 -3.49
N LEU B 358 -22.40 6.79 -2.37
CA LEU B 358 -23.19 7.14 -1.19
C LEU B 358 -22.95 8.58 -0.69
N TYR B 359 -21.84 9.20 -1.11
CA TYR B 359 -21.49 10.53 -0.64
C TYR B 359 -22.02 11.65 -1.53
N HIS B 360 -22.88 11.30 -2.47
CA HIS B 360 -23.51 12.31 -3.29
C HIS B 360 -24.66 13.02 -2.54
N TRP B 361 -24.25 13.73 -1.48
CA TRP B 361 -25.16 14.44 -0.57
C TRP B 361 -25.67 15.80 -1.08
N HIS B 362 -26.15 15.83 -2.32
CA HIS B 362 -26.68 17.07 -2.89
C HIS B 362 -27.90 17.66 -2.19
N PRO B 363 -28.70 16.80 -1.53
CA PRO B 363 -29.77 17.35 -0.68
C PRO B 363 -29.28 18.37 0.35
N LEU B 364 -28.00 18.31 0.76
CA LEU B 364 -27.49 19.35 1.66
C LEU B 364 -27.67 20.76 1.09
N LEU B 365 -27.58 20.91 -0.22
CA LEU B 365 -27.55 22.27 -0.79
C LEU B 365 -28.87 23.01 -0.62
N PRO B 366 -28.81 24.31 -0.27
CA PRO B 366 -30.01 25.14 -0.10
C PRO B 366 -30.50 25.64 -1.44
N ASP B 367 -31.68 26.28 -1.43
CA ASP B 367 -32.25 26.92 -2.61
C ASP B 367 -31.46 28.14 -3.05
N THR B 368 -30.96 28.92 -2.09
CA THR B 368 -30.12 30.08 -2.35
C THR B 368 -29.02 30.12 -1.32
N PHE B 369 -27.96 30.87 -1.59
CA PHE B 369 -26.81 30.93 -0.70
C PHE B 369 -26.85 32.30 -0.06
N ASN B 370 -27.04 32.29 1.26
CA ASN B 370 -27.36 33.51 2.01
C ASN B 370 -26.11 34.05 2.68
N ILE B 371 -25.60 35.15 2.14
CA ILE B 371 -24.42 35.78 2.69
C ILE B 371 -24.72 37.21 3.04
N GLU B 372 -24.70 37.49 4.34
CA GLU B 372 -24.96 38.82 4.86
C GLU B 372 -26.42 39.18 4.54
N ASP B 373 -26.65 40.26 3.81
CA ASP B 373 -28.02 40.61 3.43
C ASP B 373 -28.40 40.11 2.03
N GLN B 374 -27.49 39.42 1.34
CA GLN B 374 -27.71 38.95 -0.03
C GLN B 374 -28.19 37.50 -0.11
N GLU B 375 -28.97 37.18 -1.15
CA GLU B 375 -29.44 35.82 -1.39
C GLU B 375 -29.16 35.35 -2.81
N TYR B 376 -28.03 34.70 -3.00
CA TYR B 376 -27.55 34.30 -4.31
C TYR B 376 -28.17 33.00 -4.82
N SER B 377 -28.59 33.02 -6.08
CA SER B 377 -29.05 31.82 -6.76
C SER B 377 -27.84 30.96 -7.11
N PHE B 378 -28.08 29.73 -7.55
CA PHE B 378 -27.03 28.90 -8.14
C PHE B 378 -26.31 29.59 -9.31
N LYS B 379 -27.08 30.22 -10.20
CA LYS B 379 -26.53 30.88 -11.39
C LYS B 379 -25.51 31.92 -10.95
N GLN B 380 -25.85 32.68 -9.90
CA GLN B 380 -25.01 33.74 -9.37
C GLN B 380 -23.84 33.22 -8.57
N PHE B 381 -24.04 32.11 -7.87
CA PHE B 381 -23.02 31.62 -6.94
C PHE B 381 -21.87 30.89 -7.64
N LEU B 382 -22.23 30.01 -8.58
CA LEU B 382 -21.26 29.24 -9.35
C LEU B 382 -20.21 30.08 -10.04
N TYR B 383 -18.95 29.73 -9.79
CA TYR B 383 -17.79 30.35 -10.43
C TYR B 383 -17.60 31.80 -10.08
N ASN B 384 -18.23 32.29 -9.01
CA ASN B 384 -18.10 33.69 -8.62
C ASN B 384 -17.22 33.88 -7.41
N ASN B 385 -15.92 34.01 -7.62
CA ASN B 385 -15.03 34.33 -6.50
C ASN B 385 -15.09 35.79 -6.07
N SER B 386 -15.67 36.66 -6.91
CA SER B 386 -15.96 38.05 -6.53
C SER B 386 -16.75 38.10 -5.24
N ILE B 387 -17.65 37.14 -5.07
CA ILE B 387 -18.55 37.10 -3.93
C ILE B 387 -17.68 36.97 -2.67
N LEU B 388 -16.68 36.12 -2.76
CA LEU B 388 -15.72 35.89 -1.67
C LEU B 388 -14.90 37.12 -1.32
N LEU B 389 -14.43 37.81 -2.35
CA LEU B 389 -13.59 38.98 -2.18
C LEU B 389 -14.41 40.12 -1.65
N GLU B 390 -15.65 40.22 -2.13
CA GLU B 390 -16.52 41.33 -1.76
C GLU B 390 -16.90 41.26 -0.28
N HIS B 391 -17.41 40.10 0.16
CA HIS B 391 -17.91 39.94 1.52
C HIS B 391 -16.81 39.69 2.54
N GLY B 392 -15.81 38.91 2.16
CA GLY B 392 -14.71 38.56 3.04
C GLY B 392 -14.89 37.18 3.66
N LEU B 393 -13.80 36.58 4.10
CA LEU B 393 -13.87 35.31 4.81
C LEU B 393 -14.64 35.36 6.14
N THR B 394 -14.49 36.46 6.90
CA THR B 394 -15.18 36.61 8.18
C THR B 394 -16.70 36.54 7.98
N GLN B 395 -17.24 37.32 7.03
CA GLN B 395 -18.66 37.27 6.69
C GLN B 395 -19.07 35.91 6.10
N PHE B 396 -18.24 35.30 5.28
CA PHE B 396 -18.56 33.97 4.80
C PHE B 396 -18.76 33.00 5.95
N VAL B 397 -17.84 32.98 6.91
CA VAL B 397 -17.96 32.08 8.06
C VAL B 397 -19.20 32.40 8.90
N GLU B 398 -19.41 33.68 9.20
CA GLU B 398 -20.59 34.08 9.97
C GLU B 398 -21.89 33.62 9.28
N SER B 399 -22.01 33.88 7.98
CA SER B 399 -23.21 33.57 7.21
C SER B 399 -23.48 32.08 7.07
N PHE B 400 -22.46 31.31 6.69
CA PHE B 400 -22.58 29.88 6.58
C PHE B 400 -22.76 29.14 7.90
N THR B 401 -22.23 29.70 8.99
CA THR B 401 -22.46 29.11 10.31
C THR B 401 -23.94 29.23 10.61
N ARG B 402 -24.57 30.29 10.10
CA ARG B 402 -25.98 30.54 10.37
C ARG B 402 -26.93 29.75 9.47
N GLN B 403 -26.54 29.46 8.24
CA GLN B 403 -27.49 28.92 7.27
C GLN B 403 -27.66 27.39 7.26
N ILE B 404 -28.86 26.93 7.59
CA ILE B 404 -29.16 25.49 7.63
C ILE B 404 -29.10 24.74 6.28
N ALA B 405 -28.62 23.50 6.33
CA ALA B 405 -28.52 22.61 5.16
C ALA B 405 -29.76 21.72 5.02
N GLY B 406 -29.89 21.03 3.90
CA GLY B 406 -31.06 20.16 3.67
C GLY B 406 -30.88 18.77 4.24
N ARG B 407 -31.99 18.13 4.62
CA ARG B 407 -31.97 16.71 5.00
C ARG B 407 -31.57 15.87 3.81
N VAL B 408 -30.79 14.81 4.01
CA VAL B 408 -30.31 13.98 2.89
C VAL B 408 -31.26 12.82 2.62
N ALA B 409 -31.62 12.11 3.68
CA ALA B 409 -32.58 11.03 3.59
C ALA B 409 -34.00 11.60 3.68
N GLY B 410 -35.01 10.74 3.59
CA GLY B 410 -36.41 11.15 3.70
C GLY B 410 -37.11 11.48 2.38
N GLY B 411 -36.36 11.45 1.29
CA GLY B 411 -36.91 11.68 -0.04
C GLY B 411 -37.15 13.12 -0.43
N ARG B 412 -37.29 13.36 -1.74
CA ARG B 412 -37.70 14.67 -2.31
C ARG B 412 -36.95 15.90 -1.79
N ASN B 413 -35.65 15.82 -1.70
CA ASN B 413 -34.90 16.98 -1.28
C ASN B 413 -33.74 17.38 -2.17
N VAL B 414 -33.66 16.84 -3.40
CA VAL B 414 -32.59 17.23 -4.32
C VAL B 414 -32.89 18.55 -5.05
N PRO B 415 -32.09 19.62 -4.81
CA PRO B 415 -32.47 20.88 -5.47
C PRO B 415 -32.53 20.71 -6.98
N ILE B 416 -33.48 21.39 -7.62
CA ILE B 416 -33.67 21.29 -9.08
C ILE B 416 -32.46 21.74 -9.89
N ALA B 417 -31.74 22.72 -9.38
CA ALA B 417 -30.52 23.22 -10.03
C ALA B 417 -29.48 22.14 -10.36
N VAL B 418 -29.45 21.06 -9.59
CA VAL B 418 -28.47 19.99 -9.81
C VAL B 418 -29.13 18.66 -10.18
N GLN B 419 -30.32 18.73 -10.75
CA GLN B 419 -30.99 17.51 -11.19
C GLN B 419 -30.12 16.67 -12.13
N ALA B 420 -29.35 17.31 -13.01
CA ALA B 420 -28.52 16.55 -13.97
C ALA B 420 -27.46 15.70 -13.26
N VAL B 421 -26.99 16.21 -12.13
CA VAL B 421 -25.96 15.55 -11.33
C VAL B 421 -26.56 14.34 -10.63
N ALA B 422 -27.78 14.50 -10.11
CA ALA B 422 -28.44 13.40 -9.44
C ALA B 422 -28.81 12.26 -10.41
N LYS B 423 -29.22 12.64 -11.62
CA LYS B 423 -29.52 11.65 -12.66
C LYS B 423 -28.23 10.89 -13.04
N ALA B 424 -27.12 11.60 -13.08
CA ALA B 424 -25.85 10.98 -13.43
C ALA B 424 -25.44 9.92 -12.38
N SER B 425 -25.65 10.16 -11.08
CA SER B 425 -25.35 9.14 -10.08
C SER B 425 -26.09 7.82 -10.29
N ILE B 426 -27.35 7.90 -10.71
CA ILE B 426 -28.16 6.74 -11.05
C ILE B 426 -27.58 6.08 -12.32
N ASP B 427 -27.43 6.87 -13.40
CA ASP B 427 -26.96 6.36 -14.68
C ASP B 427 -25.61 5.72 -14.55
N GLN B 428 -24.68 6.45 -13.94
CA GLN B 428 -23.34 5.97 -13.74
C GLN B 428 -23.34 4.75 -12.83
N SER B 429 -24.19 4.74 -11.84
CA SER B 429 -24.35 3.57 -10.99
C SER B 429 -24.65 2.29 -11.79
N ARG B 430 -25.52 2.44 -12.80
CA ARG B 430 -25.94 1.37 -13.69
C ARG B 430 -24.87 1.00 -14.71
N GLU B 431 -24.18 2.02 -15.22
CA GLU B 431 -23.11 1.84 -16.16
C GLU B 431 -21.96 1.02 -15.51
N MET B 432 -21.71 1.27 -14.22
CA MET B 432 -20.73 0.53 -13.45
C MET B 432 -21.31 -0.82 -12.92
N LYS B 433 -22.55 -1.09 -13.28
CA LYS B 433 -23.21 -2.36 -12.97
C LYS B 433 -23.29 -2.66 -11.46
N TYR B 434 -23.67 -1.67 -10.66
CA TYR B 434 -23.85 -1.88 -9.23
C TYR B 434 -24.89 -2.96 -8.91
N GLN B 435 -24.66 -3.73 -7.86
CA GLN B 435 -25.68 -4.65 -7.36
C GLN B 435 -26.77 -3.89 -6.62
N SER B 436 -27.84 -4.60 -6.26
CA SER B 436 -29.01 -3.95 -5.66
C SER B 436 -28.76 -3.43 -4.22
N LEU B 437 -29.65 -2.55 -3.76
CA LEU B 437 -29.67 -2.11 -2.37
C LEU B 437 -29.59 -3.26 -1.38
N ASN B 438 -30.44 -4.26 -1.54
CA ASN B 438 -30.46 -5.35 -0.57
C ASN B 438 -29.19 -6.21 -0.58
N GLU B 439 -28.50 -6.28 -1.72
CA GLU B 439 -27.23 -7.00 -1.79
C GLU B 439 -26.20 -6.25 -0.96
N TYR B 440 -26.15 -4.92 -1.15
CA TYR B 440 -25.30 -4.04 -0.34
C TYR B 440 -25.63 -4.04 1.14
N ARG B 441 -26.91 -4.11 1.48
CA ARG B 441 -27.28 -4.20 2.90
C ARG B 441 -26.76 -5.50 3.53
N LYS B 442 -26.89 -6.62 2.84
CA LYS B 442 -26.39 -7.88 3.37
C LYS B 442 -24.85 -7.90 3.46
N ARG B 443 -24.19 -7.31 2.48
CA ARG B 443 -22.75 -7.23 2.47
C ARG B 443 -22.23 -6.49 3.72
N PHE B 444 -23.06 -5.60 4.27
CA PHE B 444 -22.72 -4.82 5.45
C PHE B 444 -23.48 -5.23 6.70
N SER B 445 -23.88 -6.51 6.75
CA SER B 445 -24.50 -7.13 7.92
C SER B 445 -25.88 -6.58 8.32
N LEU B 446 -26.67 -6.16 7.33
CA LEU B 446 -28.02 -5.66 7.57
C LEU B 446 -29.05 -6.56 6.94
N LYS B 447 -30.23 -6.61 7.53
CA LYS B 447 -31.30 -7.41 6.96
C LYS B 447 -31.81 -6.72 5.70
N PRO B 448 -32.01 -7.47 4.62
CA PRO B 448 -32.66 -6.85 3.45
C PRO B 448 -34.05 -6.31 3.81
N TYR B 449 -34.44 -5.21 3.14
CA TYR B 449 -35.78 -4.64 3.25
C TYR B 449 -36.78 -5.55 2.56
N THR B 450 -37.91 -5.82 3.23
CA THR B 450 -38.92 -6.74 2.70
C THR B 450 -39.98 -6.07 1.83
N SER B 451 -40.03 -4.74 1.87
CA SER B 451 -40.99 -3.94 1.07
C SER B 451 -40.50 -2.51 0.91
N PHE B 452 -41.09 -1.77 -0.03
CA PHE B 452 -40.74 -0.35 -0.18
C PHE B 452 -41.28 0.47 0.97
N GLU B 453 -42.39 0.05 1.55
CA GLU B 453 -42.93 0.69 2.74
C GLU B 453 -41.93 0.62 3.90
N GLU B 454 -41.27 -0.52 4.09
CA GLU B 454 -40.28 -0.64 5.16
C GLU B 454 -39.11 0.31 4.90
N LEU B 455 -38.69 0.41 3.64
CA LEU B 455 -37.62 1.32 3.23
C LEU B 455 -37.92 2.80 3.50
N THR B 456 -39.07 3.30 3.05
CA THR B 456 -39.39 4.74 3.14
C THR B 456 -40.01 5.15 4.50
N GLY B 457 -40.71 4.21 5.14
CA GLY B 457 -41.31 4.42 6.44
C GLY B 457 -42.64 5.14 6.32
N GLU B 458 -43.15 5.15 5.10
CA GLU B 458 -44.12 6.12 4.64
C GLU B 458 -44.87 5.44 3.48
N LYS B 459 -45.97 6.02 2.98
CA LYS B 459 -46.83 5.30 2.03
C LYS B 459 -46.82 5.79 0.57
N GLU B 460 -46.70 7.11 0.38
CA GLU B 460 -46.81 7.73 -0.95
C GLU B 460 -45.60 7.48 -1.86
N MET B 461 -44.40 7.57 -1.29
CA MET B 461 -43.20 7.31 -2.06
C MET B 461 -43.06 5.82 -2.29
N ALA B 462 -43.44 5.04 -1.29
CA ALA B 462 -43.34 3.59 -1.43
C ALA B 462 -44.12 3.14 -2.68
N ALA B 463 -45.32 3.68 -2.85
CA ALA B 463 -46.17 3.34 -3.99
C ALA B 463 -45.58 3.76 -5.34
N GLU B 464 -44.94 4.93 -5.41
CA GLU B 464 -44.25 5.34 -6.64
C GLU B 464 -43.16 4.31 -6.98
N LEU B 465 -42.35 4.00 -5.97
CA LEU B 465 -41.25 3.06 -6.13
C LEU B 465 -41.70 1.64 -6.50
N LYS B 466 -42.77 1.15 -5.88
CA LYS B 466 -43.29 -0.15 -6.27
C LYS B 466 -43.78 -0.13 -7.72
N ALA B 467 -44.32 1.00 -8.16
CA ALA B 467 -44.80 1.10 -9.53
C ALA B 467 -43.64 1.18 -10.52
N LEU B 468 -42.50 1.71 -10.07
CA LEU B 468 -41.29 1.83 -10.90
C LEU B 468 -40.44 0.55 -10.95
N TYR B 469 -40.18 -0.06 -9.79
CA TYR B 469 -39.23 -1.16 -9.65
C TYR B 469 -39.82 -2.58 -9.55
N SER B 470 -41.09 -2.70 -9.13
CA SER B 470 -41.80 -3.99 -8.93
C SER B 470 -41.35 -4.82 -7.75
N ASP B 471 -40.05 -4.99 -7.62
CA ASP B 471 -39.52 -5.88 -6.60
C ASP B 471 -38.52 -5.11 -5.75
N ILE B 472 -38.63 -5.24 -4.44
CA ILE B 472 -37.76 -4.52 -3.52
C ILE B 472 -36.29 -4.96 -3.69
N ASP B 473 -36.08 -6.22 -4.09
CA ASP B 473 -34.75 -6.76 -4.29
C ASP B 473 -34.07 -6.24 -5.55
N VAL B 474 -34.74 -5.38 -6.31
CA VAL B 474 -34.05 -4.75 -7.47
C VAL B 474 -33.95 -3.24 -7.31
N MET B 475 -34.30 -2.74 -6.12
CA MET B 475 -34.22 -1.33 -5.82
C MET B 475 -32.74 -0.97 -5.78
N GLU B 476 -32.38 0.17 -6.38
CA GLU B 476 -31.00 0.58 -6.50
C GLU B 476 -30.51 1.26 -5.24
N LEU B 477 -29.21 1.20 -5.01
CA LEU B 477 -28.57 1.76 -3.83
C LEU B 477 -28.72 3.27 -3.70
N TYR B 478 -28.33 4.01 -4.72
CA TYR B 478 -28.26 5.48 -4.60
C TYR B 478 -29.64 6.18 -4.36
N PRO B 479 -30.66 5.89 -5.21
CA PRO B 479 -31.94 6.53 -4.90
C PRO B 479 -32.41 6.11 -3.51
N ALA B 480 -32.14 4.86 -3.13
CA ALA B 480 -32.64 4.36 -1.86
C ALA B 480 -32.07 5.14 -0.70
N LEU B 481 -30.79 5.45 -0.76
CA LEU B 481 -30.13 6.25 0.27
C LEU B 481 -30.82 7.60 0.46
N LEU B 482 -31.34 8.16 -0.63
CA LEU B 482 -31.99 9.47 -0.56
C LEU B 482 -33.46 9.42 -0.17
N VAL B 483 -34.11 8.26 -0.29
CA VAL B 483 -35.52 8.10 0.08
C VAL B 483 -35.73 7.35 1.38
N GLU B 484 -34.64 6.88 1.97
CA GLU B 484 -34.72 6.00 3.13
C GLU B 484 -35.32 6.69 4.35
N LYS B 485 -36.10 5.93 5.12
CA LYS B 485 -36.58 6.38 6.41
C LYS B 485 -35.38 6.84 7.23
N PRO B 486 -35.36 8.13 7.62
CA PRO B 486 -34.24 8.59 8.43
C PRO B 486 -34.35 8.07 9.86
N HIS B 487 -33.22 8.00 10.58
CA HIS B 487 -33.24 7.74 12.01
C HIS B 487 -34.04 8.89 12.62
N PRO B 488 -34.56 8.74 13.86
CA PRO B 488 -35.44 9.79 14.43
C PRO B 488 -34.77 11.17 14.54
N ASP B 489 -35.33 12.17 13.85
CA ASP B 489 -34.73 13.53 13.79
C ASP B 489 -33.32 13.56 13.16
N ALA B 490 -32.98 12.54 12.38
CA ALA B 490 -31.66 12.52 11.78
C ALA B 490 -31.60 12.95 10.31
N ILE B 491 -30.42 13.33 9.88
CA ILE B 491 -30.14 13.63 8.48
C ILE B 491 -30.11 12.38 7.58
N PHE B 492 -29.72 11.22 8.12
CA PHE B 492 -29.55 10.00 7.29
C PHE B 492 -30.36 8.87 7.83
N GLY B 493 -30.50 7.84 7.01
CA GLY B 493 -31.08 6.57 7.42
C GLY B 493 -29.99 5.56 7.69
N GLU B 494 -30.40 4.36 8.04
CA GLU B 494 -29.51 3.30 8.47
C GLU B 494 -28.50 2.85 7.43
N THR B 495 -28.91 2.77 6.16
CA THR B 495 -28.01 2.24 5.13
C THR B 495 -26.83 3.15 4.90
N MET B 496 -27.05 4.47 5.03
CA MET B 496 -25.99 5.45 4.76
C MET B 496 -24.93 5.33 5.85
N VAL B 497 -25.41 5.19 7.09
CA VAL B 497 -24.54 5.08 8.25
C VAL B 497 -23.74 3.79 8.23
N GLU B 498 -24.42 2.66 7.99
CA GLU B 498 -23.76 1.36 8.07
C GLU B 498 -22.76 1.10 6.94
N LEU B 499 -23.01 1.71 5.78
CA LEU B 499 -22.07 1.65 4.67
C LEU B 499 -20.98 2.71 4.81
N GLY B 500 -21.36 3.93 5.15
CA GLY B 500 -20.41 5.02 5.27
C GLY B 500 -19.32 4.86 6.31
N ALA B 501 -19.69 4.47 7.53
CA ALA B 501 -18.76 4.47 8.66
C ALA B 501 -17.53 3.57 8.47
N PRO B 502 -17.70 2.32 7.99
CA PRO B 502 -16.47 1.52 7.80
C PRO B 502 -15.56 2.10 6.72
N PHE B 503 -16.13 2.63 5.65
CA PHE B 503 -15.31 3.26 4.62
C PHE B 503 -14.54 4.45 5.22
N SER B 504 -15.19 5.18 6.13
CA SER B 504 -14.64 6.36 6.77
CA SER B 504 -14.63 6.36 6.75
C SER B 504 -13.51 6.02 7.71
N LEU B 505 -13.72 4.99 8.51
CA LEU B 505 -12.76 4.50 9.49
C LEU B 505 -11.43 4.17 8.79
N LYS B 506 -11.56 3.42 7.71
CA LYS B 506 -10.42 2.99 6.93
C LYS B 506 -9.65 4.17 6.31
N GLY B 507 -10.35 5.15 5.75
CA GLY B 507 -9.67 6.30 5.15
C GLY B 507 -9.01 7.16 6.19
N LEU B 508 -9.57 7.17 7.40
CA LEU B 508 -9.02 8.03 8.44
C LEU B 508 -7.89 7.40 9.24
N MET B 509 -8.14 6.23 9.81
CA MET B 509 -7.16 5.53 10.62
C MET B 509 -6.13 4.77 9.78
N GLY B 510 -6.50 4.41 8.55
N GLY B 510 -6.51 4.44 8.53
CA GLY B 510 -5.56 3.72 7.64
CA GLY B 510 -5.61 3.76 7.58
C GLY B 510 -4.33 4.52 7.27
C GLY B 510 -4.65 4.70 6.85
N ASN B 511 -4.39 5.84 7.45
CA ASN B 511 -3.34 6.75 7.01
C ASN B 511 -2.03 6.38 7.71
N PRO B 512 -0.90 6.44 6.95
CA PRO B 512 0.37 6.03 7.55
C PRO B 512 0.74 6.85 8.80
N ILE B 513 0.30 8.11 8.91
CA ILE B 513 0.62 8.92 10.11
C ILE B 513 0.02 8.37 11.43
N CYS B 514 -0.93 7.45 11.31
CA CYS B 514 -1.55 6.80 12.47
C CYS B 514 -0.88 5.48 12.86
N SER B 515 0.16 5.11 12.14
CA SER B 515 0.86 3.85 12.38
C SER B 515 1.93 4.11 13.45
N PRO B 516 2.31 3.06 14.23
CA PRO B 516 3.22 3.28 15.35
C PRO B 516 4.53 3.99 14.99
N GLN B 517 5.06 3.72 13.79
CA GLN B 517 6.34 4.33 13.45
C GLN B 517 6.20 5.80 13.06
N TYR B 518 5.00 6.24 12.73
CA TYR B 518 4.78 7.64 12.48
C TYR B 518 4.24 8.41 13.68
N TRP B 519 3.49 7.74 14.55
CA TRP B 519 2.73 8.45 15.59
C TRP B 519 3.61 8.79 16.81
N LYS B 520 4.51 9.75 16.58
CA LYS B 520 5.57 10.14 17.52
C LYS B 520 5.77 11.63 17.39
N PRO B 521 6.19 12.29 18.47
CA PRO B 521 6.27 13.76 18.33
C PRO B 521 7.34 14.21 17.33
N SER B 522 8.36 13.38 17.10
CA SER B 522 9.49 13.71 16.21
C SER B 522 9.10 13.78 14.73
N THR B 523 8.07 13.02 14.34
CA THR B 523 7.50 13.09 12.99
C THR B 523 6.96 14.48 12.67
N PHE B 524 6.52 15.19 13.71
CA PHE B 524 5.83 16.49 13.55
C PHE B 524 6.63 17.69 14.05
N GLY B 525 7.94 17.52 14.21
CA GLY B 525 8.80 18.64 14.57
C GLY B 525 8.96 18.77 16.06
N GLY B 526 8.48 17.75 16.81
CA GLY B 526 8.58 17.71 18.28
C GLY B 526 7.24 17.93 18.97
N GLU B 527 7.26 18.17 20.28
CA GLU B 527 6.04 18.27 21.09
C GLU B 527 5.07 19.37 20.64
N VAL B 528 5.60 20.49 20.19
CA VAL B 528 4.75 21.58 19.74
C VAL B 528 3.94 21.24 18.49
N GLY B 529 4.58 20.60 17.52
CA GLY B 529 3.87 20.20 16.32
C GLY B 529 2.85 19.12 16.58
N PHE B 530 3.21 18.20 17.46
CA PHE B 530 2.33 17.10 17.83
C PHE B 530 1.10 17.70 18.51
N LYS B 531 1.31 18.73 19.34
CA LYS B 531 0.21 19.34 20.04
C LYS B 531 -0.78 20.09 19.10
N ILE B 532 -0.25 20.67 18.01
CA ILE B 532 -1.11 21.30 17.03
C ILE B 532 -2.09 20.27 16.50
N ILE B 533 -1.61 19.08 16.16
CA ILE B 533 -2.51 17.98 15.79
C ILE B 533 -3.53 17.66 16.88
N ASN B 534 -3.06 17.44 18.11
CA ASN B 534 -3.93 16.90 19.13
C ASN B 534 -4.94 17.88 19.74
N THR B 535 -4.84 19.17 19.39
CA THR B 535 -5.75 20.20 19.87
C THR B 535 -6.47 20.92 18.72
N ALA B 536 -6.43 20.34 17.53
CA ALA B 536 -7.05 20.96 16.38
C ALA B 536 -8.58 20.80 16.46
N SER B 537 -9.31 21.81 16.01
CA SER B 537 -10.76 21.72 15.92
C SER B 537 -11.24 22.62 14.79
N ILE B 538 -12.51 22.47 14.39
CA ILE B 538 -13.07 23.35 13.36
C ILE B 538 -13.04 24.84 13.79
N GLN B 539 -13.29 25.06 15.07
CA GLN B 539 -13.27 26.41 15.63
C GLN B 539 -11.86 27.00 15.56
N SER B 540 -10.86 26.24 16.00
CA SER B 540 -9.49 26.75 16.07
C SER B 540 -8.92 27.02 14.67
N LEU B 541 -9.23 26.15 13.74
CA LEU B 541 -8.91 26.35 12.34
C LEU B 541 -9.42 27.70 11.84
N ILE B 542 -10.68 28.00 12.14
CA ILE B 542 -11.28 29.25 11.72
C ILE B 542 -10.69 30.39 12.54
N CYS B 543 -10.60 30.17 13.84
CA CYS B 543 -10.15 31.21 14.74
C CYS B 543 -8.72 31.65 14.38
N ASN B 544 -7.82 30.70 14.16
CA ASN B 544 -6.43 31.01 13.87
C ASN B 544 -6.16 31.65 12.51
N ASN B 545 -7.13 31.58 11.59
CA ASN B 545 -6.85 31.91 10.21
C ASN B 545 -7.83 32.89 9.58
N VAL B 546 -8.85 33.31 10.33
CA VAL B 546 -9.90 34.17 9.80
C VAL B 546 -10.05 35.39 10.72
N LYS B 547 -9.93 36.58 10.13
CA LYS B 547 -9.91 37.83 10.84
C LYS B 547 -11.09 37.97 11.82
N GLY B 548 -10.77 38.37 13.06
CA GLY B 548 -11.78 38.53 14.07
C GLY B 548 -12.23 37.25 14.78
N CYS B 549 -11.69 36.10 14.39
CA CYS B 549 -12.05 34.85 15.05
C CYS B 549 -13.57 34.75 15.28
N PRO B 550 -14.36 34.67 14.19
CA PRO B 550 -15.80 34.44 14.36
C PRO B 550 -16.06 33.03 14.91
N PHE B 551 -17.15 32.91 15.68
CA PHE B 551 -17.63 31.63 16.24
CA PHE B 551 -17.54 31.62 16.21
C PHE B 551 -18.03 30.71 15.09
N THR B 552 -17.76 29.43 15.21
CA THR B 552 -18.24 28.50 14.19
C THR B 552 -18.45 27.11 14.77
N SER B 553 -19.17 26.31 13.99
CA SER B 553 -19.40 24.90 14.26
C SER B 553 -20.09 24.29 13.05
N PHE B 554 -20.49 23.03 13.17
CA PHE B 554 -21.19 22.35 12.09
C PHE B 554 -22.70 22.37 12.21
N ASN B 555 -23.24 22.91 13.31
CA ASN B 555 -24.70 23.11 13.45
C ASN B 555 -25.09 24.59 13.59
N VAL B 556 -26.35 24.92 13.25
CA VAL B 556 -26.85 26.30 13.30
C VAL B 556 -27.03 26.87 14.70
C1 NAG C . 24.61 10.02 25.59
C2 NAG C . 25.17 10.92 26.70
C3 NAG C . 25.86 12.14 26.11
C4 NAG C . 26.73 11.67 24.96
C5 NAG C . 25.89 10.91 23.90
C6 NAG C . 25.86 11.69 22.58
C7 NAG C . 23.88 10.48 28.69
C8 NAG C . 22.98 11.06 29.75
N2 NAG C . 24.14 11.29 27.65
O3 NAG C . 26.69 12.64 27.12
O4 NAG C . 27.44 12.79 24.43
O5 NAG C . 24.57 10.51 24.34
O6 NAG C . 27.11 11.57 21.95
O7 NAG C . 24.35 9.34 28.80
C1 NAG C . 28.89 12.66 24.49
C2 NAG C . 29.57 13.80 23.71
C3 NAG C . 31.08 13.95 23.98
C4 NAG C . 31.66 13.24 25.22
C5 NAG C . 30.75 12.12 25.77
C6 NAG C . 31.19 11.61 27.15
C7 NAG C . 29.17 14.69 21.41
C8 NAG C . 29.39 14.37 19.94
N2 NAG C . 29.36 13.67 22.27
O3 NAG C . 31.34 15.33 24.06
O4 NAG C . 32.92 12.67 24.92
O5 NAG C . 29.40 12.60 25.80
O6 NAG C . 31.53 12.69 28.00
O7 NAG C . 28.83 15.83 21.75
C1 NAG D . 8.92 10.76 -7.53
C2 NAG D . 8.04 11.71 -8.30
C3 NAG D . 8.89 12.22 -9.46
C4 NAG D . 10.19 12.83 -8.90
C5 NAG D . 10.79 11.88 -7.83
C6 NAG D . 12.08 12.42 -7.20
C7 NAG D . 5.68 11.38 -8.34
C8 NAG D . 4.55 10.46 -8.72
N2 NAG D . 6.88 10.97 -8.71
O3 NAG D . 8.16 13.13 -10.25
O4 NAG D . 11.09 13.06 -9.98
O5 NAG D . 9.81 11.46 -6.85
O6 NAG D . 12.05 13.82 -7.05
O7 NAG D . 5.46 12.44 -7.74
C1 NAG D . 11.32 14.45 -10.31
C2 NAG D . 12.52 14.62 -11.21
C3 NAG D . 12.81 16.09 -11.51
C4 NAG D . 11.58 16.90 -11.93
C5 NAG D . 10.41 16.51 -11.01
C6 NAG D . 9.09 17.20 -11.34
C7 NAG D . 14.30 12.94 -11.01
C8 NAG D . 13.79 12.33 -12.27
N2 NAG D . 13.69 14.04 -10.58
O3 NAG D . 13.79 16.18 -12.52
O4 NAG D . 11.94 18.27 -11.78
O5 NAG D . 10.25 15.09 -10.96
O6 NAG D . 8.27 16.38 -12.15
O7 NAG D . 15.26 12.43 -10.43
C1 MAN D . 11.67 19.13 -12.94
C2 MAN D . 12.31 18.59 -14.22
C3 MAN D . 13.22 19.62 -14.88
C4 MAN D . 12.42 20.90 -15.11
C5 MAN D . 11.89 21.45 -13.77
C6 MAN D . 10.43 21.93 -13.91
O2 MAN D . 11.26 18.23 -15.09
O3 MAN D . 13.71 19.13 -16.11
O4 MAN D . 13.23 21.83 -15.79
O5 MAN D . 12.02 20.49 -12.70
O6 MAN D . 10.30 23.27 -13.49
C1 NAG E . -28.65 -22.85 -3.03
C2 NAG E . -29.88 -23.62 -2.56
C3 NAG E . -30.78 -23.75 -3.77
C4 NAG E . -30.94 -22.39 -4.50
C5 NAG E . -29.81 -21.35 -4.26
C6 NAG E . -30.48 -19.97 -4.19
C7 NAG E . -29.59 -25.10 -0.62
C8 NAG E . -28.75 -26.26 -0.12
N2 NAG E . -29.57 -24.91 -1.95
O3 NAG E . -32.03 -24.24 -3.32
O4 NAG E . -31.14 -22.60 -5.89
O5 NAG E . -29.00 -21.56 -3.09
O6 NAG E . -30.42 -19.29 -5.42
O7 NAG E . -30.23 -24.40 0.17
C1 NAG E . -32.51 -22.98 -6.24
C2 NAG E . -32.85 -22.66 -7.70
C3 NAG E . -34.29 -23.06 -8.08
C4 NAG E . -35.21 -23.49 -6.93
C5 NAG E . -34.85 -23.02 -5.50
C6 NAG E . -35.10 -24.11 -4.45
C7 NAG E . -32.28 -20.74 -9.19
C8 NAG E . -32.30 -19.24 -9.32
N2 NAG E . -32.65 -21.23 -7.99
O3 NAG E . -34.24 -24.11 -9.04
O4 NAG E . -36.53 -23.07 -7.26
O5 NAG E . -33.53 -22.47 -5.35
O6 NAG E . -34.38 -25.30 -4.75
O7 NAG E . -31.96 -21.45 -10.15
C1 NAG F . -4.79 0.71 -15.22
C2 NAG F . -3.52 0.92 -16.03
C3 NAG F . -3.76 1.85 -17.22
C4 NAG F . -4.99 1.39 -18.00
C5 NAG F . -6.19 1.30 -17.08
C6 NAG F . -7.44 0.81 -17.78
C7 NAG F . -1.27 0.94 -15.11
C8 NAG F . -0.33 1.65 -14.17
N2 NAG F . -2.48 1.50 -15.23
O3 NAG F . -2.60 1.85 -18.04
O4 NAG F . -5.22 2.34 -19.00
O5 NAG F . -5.93 0.40 -16.00
O6 NAG F . -7.25 -0.48 -18.32
O7 NAG F . -0.91 -0.07 -15.72
C1 NAG F . -5.27 1.70 -20.30
C2 NAG F . -6.12 2.59 -21.19
C3 NAG F . -6.00 2.38 -22.69
C4 NAG F . -4.61 1.91 -23.15
C5 NAG F . -4.01 0.90 -22.15
C6 NAG F . -2.59 0.42 -22.52
C7 NAG F . -8.23 3.31 -20.29
C8 NAG F . -7.56 4.64 -20.11
N2 NAG F . -7.51 2.36 -20.87
O3 NAG F . -6.34 3.61 -23.29
O4 NAG F . -4.69 1.38 -24.47
O5 NAG F . -3.98 1.47 -20.85
O6 NAG F . -1.62 1.40 -22.22
O7 NAG F . -9.40 3.14 -19.93
C1 MAN F . -3.99 2.25 -25.41
C2 MAN F . -5.00 3.15 -26.16
C3 MAN F . -5.66 2.42 -27.36
C4 MAN F . -4.63 1.60 -28.17
C5 MAN F . -3.81 0.71 -27.21
C6 MAN F . -2.87 -0.29 -27.88
O2 MAN F . -4.39 4.37 -26.53
O3 MAN F . -6.41 3.33 -28.15
O4 MAN F . -5.27 0.81 -29.17
O5 MAN F . -3.12 1.55 -26.30
O6 MAN F . -1.65 0.30 -28.28
C1 EDO G . 30.27 14.07 3.69
O1 EDO G . 29.13 13.74 4.49
C2 EDO G . 30.54 12.94 2.66
O2 EDO G . 31.68 13.21 1.84
C1 EDO H . 23.49 -18.97 6.12
O1 EDO H . 24.83 -19.11 5.60
C2 EDO H . 23.44 -19.45 7.57
O2 EDO H . 23.90 -20.83 7.67
C1 EDO I . 29.16 7.92 2.40
O1 EDO I . 28.43 8.84 3.22
C2 EDO I . 29.31 6.63 3.22
O2 EDO I . 28.23 5.72 2.95
C1 EDO J . 10.80 11.87 28.20
O1 EDO J . 9.65 11.28 28.81
C2 EDO J . 10.95 13.33 28.67
O2 EDO J . 11.53 13.38 29.99
C1 EDO K . 5.54 -26.20 -10.98
O1 EDO K . 5.24 -26.95 -12.17
C2 EDO K . 4.39 -26.34 -9.98
O2 EDO K . 4.61 -27.56 -9.28
C1 EDO L . 2.87 -23.39 -25.53
O1 EDO L . 3.37 -23.04 -24.23
C2 EDO L . 1.65 -24.34 -25.45
O2 EDO L . 0.66 -23.89 -24.51
C1 EDO M . 7.00 -1.38 -25.06
O1 EDO M . 5.90 -1.13 -24.16
C2 EDO M . 7.67 -2.70 -24.70
O2 EDO M . 8.10 -2.56 -23.34
C1 ACD N . 14.84 -13.63 -0.45
C2 ACD N . 15.64 -14.64 0.38
C3 ACD N . 17.12 -14.30 0.60
C4 ACD N . 17.33 -13.37 1.78
C5 ACD N . 18.77 -12.89 1.82
C6 ACD N . 19.56 -13.17 2.86
C7 ACD N . 19.10 -13.94 4.07
C8 ACD N . 19.89 -15.22 4.17
C9 ACD N . 19.45 -16.38 4.67
C10 ACD N . 18.09 -16.60 5.29
C11 ACD N . 18.38 -17.32 6.60
C12 ACD N . 17.43 -17.66 7.47
C13 ACD N . 15.99 -17.35 7.15
C14 ACD N . 15.12 -17.46 8.35
C15 ACD N . 13.84 -17.15 8.21
C16 ACD N . 13.31 -16.71 6.87
C17 ACD N . 11.87 -16.25 6.97
C18 ACD N . 11.40 -15.74 5.62
C19 ACD N . 10.42 -16.72 5.00
C20 ACD N . 9.02 -16.17 5.00
O1 ACD N . 13.74 -13.22 -0.01
O2 ACD N . 15.27 -13.24 -1.56
CO COH O . 24.29 -9.04 -11.09
CHA COH O . 23.51 -5.82 -10.95
CHB COH O . 26.34 -8.42 -13.99
CHC COH O . 24.76 -12.41 -11.74
CHD COH O . 22.84 -9.78 -8.12
NA COH O . 24.87 -7.41 -12.29
C1A COH O . 24.36 -6.15 -12.01
C2A COH O . 24.88 -5.24 -13.04
C3A COH O . 25.66 -5.97 -13.88
C4A COH O . 25.67 -7.35 -13.42
CMA COH O . 26.42 -5.41 -15.11
CAA COH O . 24.62 -3.71 -13.17
CBA COH O . 23.15 -3.35 -12.89
CGA COH O . 22.32 -3.25 -14.16
O1A COH O . 21.29 -3.97 -14.27
O2A COH O . 22.68 -2.41 -15.05
NB COH O . 25.44 -10.20 -12.58
C1B COH O . 26.06 -9.75 -13.74
C2B COH O . 26.29 -10.90 -14.60
C3B COH O . 25.84 -12.00 -13.96
C4B COH O . 25.31 -11.57 -12.69
CMB COH O . 26.95 -10.86 -16.00
CAB COH O . 25.81 -13.49 -14.40
CBB COH O . 26.47 -14.01 -15.43
NC COH O . 23.84 -10.79 -10.11
C1C COH O . 24.18 -12.06 -10.53
C2C COH O . 23.80 -12.98 -9.48
C3C COH O . 23.27 -12.27 -8.47
C4C COH O . 23.28 -10.87 -8.85
CMC COH O . 24.00 -14.53 -9.52
CAC COH O . 22.75 -12.88 -7.15
CBC COH O . 21.60 -12.46 -6.64
ND COH O . 23.34 -7.93 -9.68
C1D COH O . 22.67 -8.48 -8.60
C2D COH O . 21.79 -7.47 -8.06
C3D COH O . 21.98 -6.25 -8.95
C4D COH O . 22.98 -6.62 -9.93
CMD COH O . 20.83 -7.63 -6.85
CAD COH O . 21.26 -4.88 -8.80
CBD COH O . 20.20 -4.75 -9.89
CGD COH O . 19.49 -3.41 -9.82
O1D COH O . 19.49 -2.78 -8.73
O2D COH O . 18.94 -2.96 -10.86
C1 NAG P . 27.97 -18.14 -28.98
C2 NAG P . 29.45 -17.81 -29.01
C3 NAG P . 30.19 -18.90 -29.79
C4 NAG P . 29.77 -20.27 -29.27
C5 NAG P . 28.24 -20.31 -29.05
C6 NAG P . 27.79 -21.70 -28.57
C7 NAG P . 30.52 -15.67 -29.01
C8 NAG P . 30.52 -14.25 -29.52
N2 NAG P . 29.64 -16.49 -29.56
O3 NAG P . 31.57 -18.76 -29.61
O4 NAG P . 30.25 -21.28 -30.12
O5 NAG P . 27.82 -19.21 -28.19
O6 NAG P . 26.62 -22.15 -29.22
O7 NAG P . 31.31 -16.05 -28.14
C1 BOG Q . 47.31 -7.88 -1.87
O1 BOG Q . 46.51 -6.98 -2.63
C2 BOG Q . 46.80 -7.88 -0.43
O2 BOG Q . 46.99 -6.56 0.11
C3 BOG Q . 47.59 -8.88 0.38
O3 BOG Q . 47.06 -8.93 1.72
C4 BOG Q . 47.61 -10.27 -0.27
O4 BOG Q . 48.61 -11.09 0.35
C5 BOG Q . 47.97 -10.18 -1.74
O5 BOG Q . 47.16 -9.20 -2.38
C6 BOG Q . 47.72 -11.50 -2.46
O6 BOG Q . 46.35 -11.89 -2.30
C1' BOG Q . 47.07 -6.53 -3.85
C2' BOG Q . 45.98 -5.85 -4.66
C3' BOG Q . 46.28 -5.89 -6.15
C4' BOG Q . 46.13 -7.27 -6.80
C5' BOG Q . 44.84 -8.02 -6.47
C6' BOG Q . 44.21 -8.63 -7.72
C7' BOG Q . 43.57 -9.96 -7.35
C8' BOG Q . 43.47 -10.88 -8.55
C1 EDO R . -27.79 9.55 11.58
O1 EDO R . -27.30 10.80 11.08
C2 EDO R . -27.27 9.32 13.00
O2 EDO R . -28.19 9.88 13.98
C1 EDO S . 2.61 33.87 4.61
O1 EDO S . 2.80 33.82 6.01
C2 EDO S . 1.19 34.36 4.38
O2 EDO S . 0.33 33.25 4.19
C1 EDO T . -27.28 -2.11 -13.91
O1 EDO T . -26.69 -3.39 -13.71
C2 EDO T . -27.93 -1.74 -12.58
O2 EDO T . -26.93 -1.51 -11.58
C1 EDO U . -13.59 -23.80 -4.34
O1 EDO U . -13.76 -24.47 -3.08
C2 EDO U . -13.93 -22.32 -4.17
O2 EDO U . -14.68 -21.85 -5.31
C1 EDO V . -5.21 24.00 14.11
O1 EDO V . -5.81 24.25 15.38
C2 EDO V . -5.95 24.87 13.11
O2 EDO V . -5.52 26.22 13.29
C1 EDO W . 2.46 0.74 -8.52
O1 EDO W . 1.67 1.87 -8.98
C2 EDO W . 1.71 -0.58 -8.68
O2 EDO W . 0.71 -0.67 -7.67
C1 EDO X . 0.09 21.02 -12.89
O1 EDO X . 1.22 21.71 -13.39
C2 EDO X . -1.08 21.36 -13.76
O2 EDO X . -0.97 22.74 -14.08
C1 ACD Y . -18.69 6.20 13.59
C2 ACD Y . -20.11 5.90 13.11
C3 ACD Y . -21.05 7.10 12.97
C4 ACD Y . -20.75 7.84 11.68
C5 ACD Y . -21.92 8.67 11.18
C6 ACD Y . -22.14 8.80 9.86
C7 ACD Y . -21.25 8.11 8.82
C8 ACD Y . -21.87 8.12 7.43
C9 ACD Y . -21.20 8.40 6.29
C10 ACD Y . -19.72 8.75 6.13
C11 ACD Y . -19.30 9.85 7.08
C12 ACD Y . -18.18 10.59 7.09
C13 ACD Y . -17.00 10.51 6.14
C14 ACD Y . -15.81 10.67 7.04
C15 ACD Y . -14.58 10.37 6.71
C16 ACD Y . -14.18 9.83 5.36
C17 ACD Y . -12.66 9.83 5.31
C18 ACD Y . -12.08 8.49 4.87
C19 ACD Y . -12.06 8.30 3.35
C20 ACD Y . -10.68 8.51 2.74
O1 ACD Y . -17.69 5.94 12.89
O2 ACD Y . -18.57 6.71 14.73
CO COH Z . -21.20 17.78 -5.91
CHA COH Z . -19.98 15.49 -8.12
CHB COH Z . -21.98 19.87 -8.55
CHC COH Z . -21.90 20.31 -3.68
CHD COH Z . -20.61 15.64 -3.24
NA COH Z . -21.02 17.69 -8.00
C1A COH Z . -20.46 16.65 -8.70
C2A COH Z . -20.44 17.00 -10.12
C3A COH Z . -21.01 18.22 -10.25
C4A COH Z . -21.37 18.68 -8.90
CMA COH Z . -21.22 19.01 -11.59
CAA COH Z . -19.92 16.11 -11.30
CBA COH Z . -20.99 15.05 -11.57
CGA COH Z . -20.82 14.24 -12.85
O1A COH Z . -20.22 13.13 -12.80
O2A COH Z . -21.31 14.68 -13.94
NB COH Z . -21.85 19.75 -6.09
C1B COH Z . -22.05 20.42 -7.28
C2B COH Z . -22.35 21.80 -6.93
C3B COH Z . -22.33 21.92 -5.61
C4B COH Z . -22.01 20.62 -5.02
CMB COH Z . -22.65 22.95 -7.93
CAB COH Z . -22.60 23.24 -4.84
CBB COH Z . -21.66 23.69 -4.02
NC COH Z . -21.19 17.95 -3.81
C1C COH Z . -21.63 19.07 -3.11
C2C COH Z . -21.76 18.68 -1.72
C3C COH Z . -21.39 17.40 -1.59
C4C COH Z . -21.03 16.90 -2.91
CMC COH Z . -22.22 19.60 -0.56
CAC COH Z . -21.39 16.60 -0.28
CBC COH Z . -20.41 15.74 -0.03
ND COH Z . -20.48 15.81 -5.71
C1D COH Z . -20.17 15.21 -4.48
C2D COH Z . -19.30 14.08 -4.74
C3D COH Z . -19.10 14.05 -6.25
C4D COH Z . -19.87 15.16 -6.78
CMD COH Z . -18.71 13.11 -3.71
CAD COH Z . -18.26 13.04 -7.05
CBD COH Z . -16.94 13.76 -7.35
CGD COH Z . -16.05 12.95 -8.25
O1D COH Z . -16.20 11.70 -8.28
O2D COH Z . -15.18 13.56 -8.94
C1 NAG AA . -21.01 37.48 -9.70
C2 NAG AA . -22.34 37.84 -10.38
C3 NAG AA . -22.70 39.29 -10.06
C4 NAG AA . -22.54 39.54 -8.56
C5 NAG AA . -21.23 38.90 -8.03
C6 NAG AA . -21.02 39.29 -6.56
C7 NAG AA . -23.01 36.63 -12.40
C8 NAG AA . -22.66 36.27 -13.82
N2 NAG AA . -22.26 37.59 -11.81
O3 NAG AA . -24.04 39.52 -10.43
O4 NAG AA . -22.59 40.92 -8.27
O5 NAG AA . -21.14 37.49 -8.35
O6 NAG AA . -19.88 40.12 -6.42
O7 NAG AA . -23.97 36.08 -11.84
#